data_2ZJS
#
_entry.id   2ZJS
#
_cell.length_a   189.096
_cell.length_b   103.073
_cell.length_c   78.005
_cell.angle_alpha   90.00
_cell.angle_beta   105.18
_cell.angle_gamma   90.00
#
_symmetry.space_group_name_H-M   'C 1 2 1'
#
loop_
_entity.id
_entity.type
_entity.pdbx_description
1 polymer 'Preprotein translocase SecY subunit'
2 polymer 'Preprotein translocase SecE subunit'
3 polymer 'Fab56 (heavy chain)'
4 polymer 'Fab56 (light chain)'
5 non-polymer 'ZINC ION'
#
loop_
_entity_poly.entity_id
_entity_poly.type
_entity_poly.pdbx_seq_one_letter_code
_entity_poly.pdbx_strand_id
1 'polypeptide(L)'
;MVKAFWSALQIPELRQRVLFTLLVLAAYRLGAFIPTPGVDLDKIQEFLRTAQGGVFGIINLFSGGNFERFSIFALGIMPY
ITAAIIMQILVTVVPALEKLSKEGEEGRRIINQYTRIGGIALGAFQGFFLATAFLGAEGGRFLLPGWSPGPFFWFVVVVT
QVAGIALLLWMAERITEYGIGNGTSLIIFAGIVVEWLPQILRTIGLIRTGEVNLVAFLFFLAFIVLAFAGMAAVQQAERR
IPVQYARKVVGGRVYGGQATYIPIKLNAAGVIPIIFAAAILQIPIFLAAPFQDNPVLQGIANFFNPTRPSGLFIEVLLVI
LFTYVYTAVQFDPKRIAESLREYGGFIPGIRPGEPTVKFLEHIVSRLTLWGALFLGLVTLLPQIIQNLTGIHSIAFSGIG
LLIVVGVALDTLRQVESQLMLRSYEGFLSRGRLR
;
Y
2 'polypeptide(L)' MFARLIRYFQEARAELARVTWPTREQVVEGTQAILLFTLAFMVILGLYDTVFRFLIGLLR E
3 'polypeptide(L)'
;QVQLQQSGAELMKPGASVKISCKATGYTFSSYWIAWVKQRPGHGLEWIGEILPGSGSTNYNEKFKGKATFTADTSSNTAY
MQLSSLTSEDSAVYYCARSPYYYGNWDYWGQGTTLTVSSAKTTPPSVYPLAPGSAAQTNSMVTLGCLVKGYFPEPVTVTW
NSGSLSSGVHTFPAVLQSDLYTLSSSVTVPSSTWPSETVTCNVAHPASSTKVDKKIVPRDC
;
H
4 'polypeptide(L)'
;DIQMTQTTSSLSASLGDRVTISCRASQDISNYLNWYQQKPDGTVKLLIYYTSRLHSGVPSRFSGSGSGTDYSLTISNLEQ
EDIATYFCQQGNTLPWTFGGGTKLEIKRADAAPTVSIFPPSSEQLTSGGASVVCFLNNFYPKDINVKWKIDGSERQNGVL
NSWTDQDSKDSTYSMSSTLTLTKDEYERHNSYTCEATHKTSTSPIVKSFNRNEC
;
L
#
loop_
_chem_comp.id
_chem_comp.type
_chem_comp.name
_chem_comp.formula
ZN non-polymer 'ZINC ION' 'Zn 2'
#
# COMPACT_ATOMS: atom_id res chain seq x y z
N MET A 1 -28.06 15.25 -24.92
CA MET A 1 -27.28 14.03 -25.23
C MET A 1 -26.89 14.00 -26.72
N VAL A 2 -27.90 13.98 -27.60
CA VAL A 2 -27.72 14.08 -29.05
C VAL A 2 -27.30 15.51 -29.43
N LYS A 3 -27.74 16.48 -28.61
CA LYS A 3 -27.37 17.87 -28.79
C LYS A 3 -26.07 18.26 -28.06
N ALA A 4 -25.67 17.42 -27.09
CA ALA A 4 -24.39 17.59 -26.37
C ALA A 4 -23.22 17.51 -27.35
N PHE A 5 -23.48 16.82 -28.46
CA PHE A 5 -22.58 16.76 -29.59
C PHE A 5 -22.81 17.96 -30.50
N TRP A 6 -24.09 18.29 -30.72
CA TRP A 6 -24.52 19.31 -31.68
C TRP A 6 -23.84 20.67 -31.44
N SER A 7 -24.02 21.23 -30.24
CA SER A 7 -23.41 22.51 -29.89
C SER A 7 -21.89 22.44 -29.92
N ALA A 8 -21.34 21.40 -29.30
CA ALA A 8 -19.89 21.16 -29.25
C ALA A 8 -19.31 20.90 -30.64
N LEU A 9 -20.19 20.62 -31.61
CA LEU A 9 -19.79 20.49 -33.01
C LEU A 9 -20.10 21.75 -33.80
N GLN A 10 -21.05 22.55 -33.31
CA GLN A 10 -21.43 23.79 -33.97
C GLN A 10 -20.42 24.92 -33.79
N ILE A 11 -19.36 24.64 -33.02
CA ILE A 11 -18.19 25.51 -32.99
C ILE A 11 -17.30 25.19 -34.21
N PRO A 12 -17.22 26.12 -35.18
CA PRO A 12 -16.61 25.87 -36.50
C PRO A 12 -15.16 25.38 -36.47
N GLU A 13 -14.46 25.63 -35.35
CA GLU A 13 -13.09 25.17 -35.14
C GLU A 13 -12.96 23.65 -35.37
N LEU A 14 -13.90 22.90 -34.80
CA LEU A 14 -13.93 21.44 -34.91
C LEU A 14 -14.78 20.97 -36.09
N ARG A 15 -15.84 21.71 -36.40
CA ARG A 15 -16.72 21.41 -37.54
C ARG A 15 -15.93 21.35 -38.85
N GLN A 16 -14.85 22.13 -38.90
CA GLN A 16 -13.93 22.12 -40.05
C GLN A 16 -13.10 20.84 -40.05
N ARG A 17 -12.69 20.39 -38.87
CA ARG A 17 -11.87 19.19 -38.72
C ARG A 17 -12.62 17.89 -39.02
N VAL A 18 -13.93 17.88 -38.75
CA VAL A 18 -14.81 16.75 -39.09
C VAL A 18 -14.98 16.68 -40.61
N LEU A 19 -15.22 17.83 -41.24
CA LEU A 19 -15.45 17.93 -42.68
C LEU A 19 -14.18 17.71 -43.52
N PHE A 20 -13.03 17.72 -42.85
CA PHE A 20 -11.77 17.28 -43.46
C PHE A 20 -11.62 15.77 -43.27
N THR A 21 -11.82 15.31 -42.03
CA THR A 21 -11.75 13.88 -41.71
C THR A 21 -12.67 13.08 -42.62
N LEU A 22 -13.91 13.54 -42.75
CA LEU A 22 -14.87 12.93 -43.66
C LEU A 22 -14.43 13.02 -45.11
N LEU A 23 -13.81 14.13 -45.47
CA LEU A 23 -13.33 14.32 -46.84
C LEU A 23 -12.21 13.36 -47.21
N VAL A 24 -11.25 13.16 -46.31
CA VAL A 24 -10.12 12.27 -46.59
C VAL A 24 -10.58 10.82 -46.73
N LEU A 25 -11.55 10.42 -45.93
CA LEU A 25 -12.13 9.08 -46.03
C LEU A 25 -13.00 8.96 -47.29
N ALA A 26 -13.51 10.09 -47.78
CA ALA A 26 -14.25 10.15 -49.03
C ALA A 26 -13.35 9.82 -50.22
N ALA A 27 -12.16 10.42 -50.24
CA ALA A 27 -11.19 10.19 -51.31
C ALA A 27 -10.54 8.82 -51.18
N TYR A 28 -10.49 8.30 -49.95
CA TYR A 28 -10.03 6.93 -49.70
C TYR A 28 -11.07 5.95 -50.26
N ARG A 29 -12.33 6.26 -50.03
CA ARG A 29 -13.43 5.47 -50.57
C ARG A 29 -13.49 5.61 -52.09
N LEU A 30 -13.10 6.78 -52.59
CA LEU A 30 -13.03 7.04 -54.02
C LEU A 30 -12.00 6.14 -54.70
N GLY A 31 -10.86 5.95 -54.03
CA GLY A 31 -9.77 5.12 -54.54
C GLY A 31 -10.13 3.65 -54.60
N ALA A 32 -11.06 3.24 -53.73
CA ALA A 32 -11.53 1.86 -53.64
C ALA A 32 -12.10 1.32 -54.95
N PHE A 33 -12.47 2.24 -55.84
CA PHE A 33 -13.00 1.86 -57.14
C PHE A 33 -11.99 2.06 -58.26
N ILE A 34 -10.73 2.30 -57.89
CA ILE A 34 -9.67 2.44 -58.88
C ILE A 34 -8.94 1.09 -59.03
N PRO A 35 -9.44 0.23 -59.94
CA PRO A 35 -8.97 -1.15 -60.07
C PRO A 35 -7.53 -1.27 -60.56
N THR A 36 -6.83 -2.31 -60.11
CA THR A 36 -5.47 -2.56 -60.54
C THR A 36 -5.47 -3.12 -61.97
N PRO A 37 -4.75 -2.43 -62.89
CA PRO A 37 -4.64 -2.64 -64.33
C PRO A 37 -4.97 -4.03 -64.92
N GLY A 38 -4.47 -5.11 -64.31
CA GLY A 38 -4.62 -6.42 -64.93
C GLY A 38 -5.44 -7.47 -64.20
N VAL A 39 -6.36 -7.03 -63.35
CA VAL A 39 -7.05 -7.94 -62.42
C VAL A 39 -8.54 -8.11 -62.72
N ASP A 40 -8.98 -9.37 -62.76
CA ASP A 40 -10.38 -9.73 -63.05
C ASP A 40 -11.23 -9.80 -61.76
N LEU A 41 -11.70 -8.63 -61.30
CA LEU A 41 -12.36 -8.49 -60.00
C LEU A 41 -13.56 -9.39 -59.77
N ASP A 42 -14.26 -9.74 -60.86
CA ASP A 42 -15.40 -10.64 -60.78
C ASP A 42 -14.94 -12.05 -60.37
N LYS A 43 -13.78 -12.46 -60.88
CA LYS A 43 -13.20 -13.75 -60.50
C LYS A 43 -12.71 -13.73 -59.06
N ILE A 44 -12.14 -12.60 -58.65
CA ILE A 44 -11.66 -12.44 -57.29
C ILE A 44 -12.83 -12.51 -56.32
N GLN A 45 -13.91 -11.78 -56.63
CA GLN A 45 -15.10 -11.81 -55.80
C GLN A 45 -15.70 -13.22 -55.70
N GLU A 46 -15.82 -13.89 -56.84
CA GLU A 46 -16.31 -15.26 -56.89
C GLU A 46 -15.50 -16.17 -55.98
N PHE A 47 -14.19 -16.01 -56.04
CA PHE A 47 -13.25 -16.81 -55.28
C PHE A 47 -13.43 -16.57 -53.78
N LEU A 48 -13.61 -15.31 -53.42
CA LEU A 48 -13.77 -14.92 -52.03
C LEU A 48 -15.08 -15.45 -51.46
N ARG A 49 -16.07 -15.63 -52.33
CA ARG A 49 -17.35 -16.17 -51.91
C ARG A 49 -17.35 -17.68 -51.76
N THR A 50 -16.41 -18.37 -52.41
CA THR A 50 -16.29 -19.83 -52.25
C THR A 50 -15.62 -20.18 -50.93
N ALA A 51 -15.77 -21.45 -50.54
CA ALA A 51 -15.24 -21.94 -49.27
C ALA A 51 -13.71 -21.88 -49.27
N GLN A 52 -13.11 -22.28 -50.40
CA GLN A 52 -11.68 -22.17 -50.62
C GLN A 52 -11.14 -20.79 -50.16
N GLY A 53 -11.51 -19.75 -50.89
CA GLY A 53 -11.08 -18.39 -50.57
C GLY A 53 -11.76 -17.75 -49.37
N GLY A 54 -12.19 -18.57 -48.42
CA GLY A 54 -12.81 -18.06 -47.21
C GLY A 54 -11.80 -17.43 -46.26
N VAL A 55 -10.58 -17.95 -46.27
CA VAL A 55 -9.56 -17.51 -45.30
C VAL A 55 -9.25 -16.03 -45.43
N PHE A 56 -9.33 -15.55 -46.67
CA PHE A 56 -9.04 -14.16 -47.01
C PHE A 56 -10.02 -13.18 -46.38
N GLY A 57 -10.91 -13.69 -45.55
CA GLY A 57 -11.87 -12.87 -44.81
C GLY A 57 -11.24 -11.67 -44.12
N ILE A 58 -10.40 -11.94 -43.14
CA ILE A 58 -9.76 -10.87 -42.36
C ILE A 58 -8.91 -9.96 -43.23
N ILE A 59 -8.22 -10.54 -44.20
CA ILE A 59 -7.42 -9.74 -45.14
C ILE A 59 -8.31 -8.74 -45.85
N ASN A 60 -9.45 -9.21 -46.36
CA ASN A 60 -10.38 -8.32 -47.04
C ASN A 60 -11.10 -7.36 -46.09
N LEU A 61 -11.17 -7.71 -44.83
CA LEU A 61 -11.79 -6.82 -43.86
C LEU A 61 -10.90 -5.60 -43.64
N PHE A 62 -9.63 -5.85 -43.29
CA PHE A 62 -8.72 -4.79 -42.94
C PHE A 62 -8.16 -4.07 -44.16
N SER A 63 -8.45 -4.62 -45.34
CA SER A 63 -8.21 -3.92 -46.60
C SER A 63 -9.33 -2.89 -46.81
N GLY A 64 -10.38 -2.96 -46.00
CA GLY A 64 -11.55 -2.12 -46.19
C GLY A 64 -12.39 -2.60 -47.36
N GLY A 65 -12.17 -3.85 -47.77
CA GLY A 65 -12.88 -4.38 -48.93
C GLY A 65 -12.19 -3.98 -50.21
N ASN A 66 -10.93 -3.59 -50.09
CA ASN A 66 -10.13 -3.21 -51.25
C ASN A 66 -9.57 -4.42 -52.00
N PHE A 67 -9.25 -5.47 -51.24
CA PHE A 67 -8.78 -6.71 -51.80
C PHE A 67 -9.82 -7.32 -52.74
N GLU A 68 -11.07 -7.37 -52.24
CA GLU A 68 -12.28 -7.75 -52.98
C GLU A 68 -12.36 -7.14 -54.39
N ARG A 69 -11.71 -5.99 -54.57
CA ARG A 69 -11.67 -5.31 -55.86
C ARG A 69 -10.35 -4.58 -56.09
N PHE A 70 -9.26 -5.33 -56.01
CA PHE A 70 -7.89 -4.80 -56.12
C PHE A 70 -7.80 -3.35 -56.51
N SER A 71 -7.96 -2.49 -55.51
CA SER A 71 -7.85 -1.06 -55.69
C SER A 71 -6.39 -0.68 -55.63
N ILE A 72 -6.10 0.59 -55.84
CA ILE A 72 -4.72 1.09 -55.72
C ILE A 72 -4.13 0.86 -54.32
N PHE A 73 -5.01 0.78 -53.32
CA PHE A 73 -4.65 0.26 -52.01
C PHE A 73 -5.35 -1.07 -51.79
N ALA A 74 -4.88 -2.09 -52.50
CA ALA A 74 -5.40 -3.45 -52.39
C ALA A 74 -5.53 -3.92 -50.94
N LEU A 75 -4.52 -3.63 -50.13
CA LEU A 75 -4.49 -4.05 -48.74
C LEU A 75 -4.83 -2.92 -47.78
N GLY A 76 -4.94 -1.70 -48.31
CA GLY A 76 -5.28 -0.54 -47.50
C GLY A 76 -4.09 -0.03 -46.73
N ILE A 77 -4.33 0.47 -45.52
CA ILE A 77 -3.26 1.03 -44.69
C ILE A 77 -2.55 -0.05 -43.87
N MET A 78 -2.86 -1.29 -44.19
CA MET A 78 -2.36 -2.43 -43.43
C MET A 78 -0.86 -2.74 -43.56
N PRO A 79 -0.27 -2.51 -44.75
CA PRO A 79 1.20 -2.61 -44.86
C PRO A 79 1.93 -1.68 -43.89
N TYR A 80 1.35 -0.49 -43.65
CA TYR A 80 1.90 0.49 -42.73
C TYR A 80 1.86 0.04 -41.26
N ILE A 81 0.81 -0.70 -40.90
CA ILE A 81 0.73 -1.31 -39.57
C ILE A 81 1.80 -2.38 -39.44
N THR A 82 2.08 -3.09 -40.53
CA THR A 82 3.12 -4.12 -40.56
C THR A 82 4.50 -3.51 -40.35
N ALA A 83 4.71 -2.31 -40.91
CA ALA A 83 5.96 -1.58 -40.72
C ALA A 83 6.05 -1.04 -39.32
N ALA A 84 4.90 -0.60 -38.80
CA ALA A 84 4.83 -0.06 -37.45
C ALA A 84 5.24 -1.12 -36.42
N ILE A 85 4.76 -2.35 -36.60
CA ILE A 85 5.12 -3.44 -35.69
C ILE A 85 6.57 -3.89 -35.87
N ILE A 86 7.05 -3.97 -37.12
CA ILE A 86 8.45 -4.33 -37.38
C ILE A 86 9.42 -3.38 -36.67
N MET A 87 9.27 -2.07 -36.93
CA MET A 87 10.21 -1.07 -36.41
C MET A 87 10.10 -0.89 -34.88
N GLN A 88 8.92 -1.17 -34.32
CA GLN A 88 8.73 -1.14 -32.87
C GLN A 88 9.15 -2.45 -32.17
N ILE A 89 9.60 -3.43 -32.95
CA ILE A 89 10.31 -4.57 -32.39
C ILE A 89 11.80 -4.22 -32.42
N LEU A 90 12.23 -3.62 -33.53
CA LEU A 90 13.62 -3.24 -33.73
C LEU A 90 14.07 -2.08 -32.84
N VAL A 91 13.10 -1.28 -32.38
CA VAL A 91 13.36 -0.24 -31.38
C VAL A 91 13.74 -0.87 -30.02
N THR A 92 13.21 -2.07 -29.75
CA THR A 92 13.52 -2.80 -28.52
C THR A 92 14.82 -3.60 -28.62
N VAL A 93 14.88 -4.54 -29.56
CA VAL A 93 16.04 -5.43 -29.74
C VAL A 93 17.31 -4.69 -30.15
N VAL A 94 17.25 -3.94 -31.26
CA VAL A 94 18.40 -3.15 -31.71
C VAL A 94 18.50 -1.87 -30.86
N PRO A 95 19.64 -1.67 -30.16
CA PRO A 95 19.79 -0.60 -29.18
C PRO A 95 20.07 0.79 -29.76
N ALA A 96 20.68 0.84 -30.94
CA ALA A 96 20.95 2.10 -31.63
C ALA A 96 19.67 2.82 -32.00
N LEU A 97 18.65 2.04 -32.35
CA LEU A 97 17.32 2.57 -32.66
C LEU A 97 16.59 2.99 -31.38
N GLU A 98 16.96 2.38 -30.25
CA GLU A 98 16.40 2.73 -28.95
C GLU A 98 16.89 4.11 -28.51
N LYS A 99 18.11 4.45 -28.93
CA LYS A 99 18.70 5.77 -28.68
C LYS A 99 17.90 6.86 -29.40
N LEU A 100 17.56 6.60 -30.66
CA LEU A 100 16.80 7.53 -31.49
C LEU A 100 15.35 7.65 -31.01
N SER A 101 14.81 6.54 -30.49
CA SER A 101 13.46 6.47 -29.95
C SER A 101 13.23 7.49 -28.84
N LYS A 102 14.02 7.38 -27.78
CA LYS A 102 13.91 8.23 -26.59
C LYS A 102 14.46 9.65 -26.82
N GLU A 103 14.94 9.94 -28.03
CA GLU A 103 15.64 11.19 -28.32
C GLU A 103 14.70 12.37 -28.72
N GLY A 104 13.72 12.63 -27.75
CA GLY A 104 12.93 13.86 -27.86
C GLY A 104 11.95 13.97 -29.02
N GLU A 105 11.77 15.21 -29.51
CA GLU A 105 10.74 15.54 -30.50
C GLU A 105 11.07 15.06 -31.91
N GLU A 106 12.20 15.52 -32.44
CA GLU A 106 12.59 15.21 -33.82
C GLU A 106 13.09 13.78 -33.96
N GLY A 107 13.66 13.25 -32.88
CA GLY A 107 14.12 11.85 -32.81
C GLY A 107 12.99 10.85 -32.89
N ARG A 108 11.85 11.20 -32.27
CA ARG A 108 10.64 10.39 -32.35
C ARG A 108 9.96 10.48 -33.74
N ARG A 109 10.28 11.52 -34.49
CA ARG A 109 9.70 11.70 -35.84
C ARG A 109 10.58 11.14 -36.96
N ILE A 110 11.82 10.78 -36.63
CA ILE A 110 12.72 10.12 -37.57
C ILE A 110 12.41 8.62 -37.68
N ILE A 111 12.21 7.96 -36.53
CA ILE A 111 11.72 6.58 -36.49
C ILE A 111 10.41 6.55 -37.26
N ASN A 112 9.58 7.56 -37.00
CA ASN A 112 8.31 7.77 -37.69
C ASN A 112 8.45 7.87 -39.21
N GLN A 113 9.61 8.32 -39.68
CA GLN A 113 9.84 8.43 -41.11
C GLN A 113 10.65 7.25 -41.67
N TYR A 114 11.22 6.44 -40.78
CA TYR A 114 11.82 5.16 -41.19
C TYR A 114 10.77 4.06 -41.23
N THR A 115 9.68 4.30 -40.50
CA THR A 115 8.49 3.46 -40.53
C THR A 115 7.65 3.82 -41.75
N ARG A 116 7.53 5.11 -42.02
CA ARG A 116 6.84 5.64 -43.21
C ARG A 116 7.49 5.12 -44.51
N ILE A 117 8.82 5.06 -44.52
CA ILE A 117 9.59 4.48 -45.64
C ILE A 117 9.66 2.96 -45.54
N GLY A 118 9.45 2.43 -44.33
CA GLY A 118 9.30 0.99 -44.13
C GLY A 118 8.04 0.48 -44.79
N GLY A 119 6.93 1.17 -44.51
CA GLY A 119 5.61 0.79 -45.03
C GLY A 119 5.49 0.83 -46.53
N ILE A 120 5.88 1.94 -47.13
CA ILE A 120 5.78 2.14 -48.58
C ILE A 120 6.58 1.09 -49.36
N ALA A 121 7.72 0.69 -48.82
CA ALA A 121 8.52 -0.37 -49.42
C ALA A 121 7.83 -1.71 -49.26
N LEU A 122 7.16 -1.87 -48.12
CA LEU A 122 6.46 -3.11 -47.80
C LEU A 122 5.24 -3.32 -48.70
N GLY A 123 4.64 -2.21 -49.16
CA GLY A 123 3.57 -2.26 -50.15
C GLY A 123 4.06 -2.78 -51.49
N ALA A 124 5.24 -2.31 -51.90
CA ALA A 124 5.90 -2.82 -53.10
C ALA A 124 6.06 -4.33 -53.04
N PHE A 125 6.65 -4.84 -51.96
CA PHE A 125 6.80 -6.29 -51.77
C PHE A 125 5.45 -6.98 -51.88
N GLN A 126 4.54 -6.63 -50.97
CA GLN A 126 3.24 -7.28 -50.87
C GLN A 126 2.50 -7.27 -52.22
N GLY A 127 2.56 -6.13 -52.91
CA GLY A 127 2.01 -5.98 -54.26
C GLY A 127 2.64 -6.94 -55.25
N PHE A 128 3.96 -7.04 -55.22
CA PHE A 128 4.67 -7.98 -56.08
C PHE A 128 4.33 -9.41 -55.70
N PHE A 129 4.51 -9.72 -54.41
CA PHE A 129 4.19 -11.04 -53.86
C PHE A 129 2.84 -11.55 -54.33
N LEU A 130 1.81 -10.71 -54.27
CA LEU A 130 0.47 -11.07 -54.73
C LEU A 130 0.36 -11.21 -56.25
N ALA A 131 0.98 -10.28 -56.97
CA ALA A 131 0.95 -10.31 -58.43
C ALA A 131 1.66 -11.54 -58.97
N THR A 132 2.66 -12.01 -58.22
CA THR A 132 3.50 -13.12 -58.63
C THR A 132 2.93 -14.47 -58.19
N ALA A 133 2.67 -14.59 -56.89
CA ALA A 133 2.25 -15.85 -56.31
C ALA A 133 0.76 -16.14 -56.49
N PHE A 134 -0.05 -15.10 -56.72
CA PHE A 134 -1.50 -15.24 -56.64
C PHE A 134 -2.33 -14.76 -57.85
N LEU A 135 -2.11 -13.54 -58.29
CA LEU A 135 -2.97 -12.89 -59.29
C LEU A 135 -2.84 -13.45 -60.70
N GLY A 136 -1.60 -13.60 -61.17
CA GLY A 136 -1.33 -14.24 -62.45
C GLY A 136 -0.93 -15.68 -62.27
N ALA A 137 -1.17 -16.19 -61.07
CA ALA A 137 -0.65 -17.48 -60.60
C ALA A 137 -0.82 -18.68 -61.52
N GLU A 138 -2.06 -19.09 -61.79
CA GLU A 138 -2.26 -20.41 -62.40
C GLU A 138 -2.35 -20.39 -63.94
N GLY A 139 -3.39 -19.77 -64.48
CA GLY A 139 -3.41 -19.50 -65.92
C GLY A 139 -3.46 -18.00 -66.11
N GLY A 140 -2.97 -17.30 -65.10
CA GLY A 140 -3.40 -15.93 -64.88
C GLY A 140 -4.83 -16.04 -64.40
N ARG A 141 -5.05 -16.90 -63.41
CA ARG A 141 -6.38 -17.25 -62.93
C ARG A 141 -7.26 -16.01 -62.74
N PHE A 142 -6.69 -14.96 -62.15
CA PHE A 142 -7.44 -13.74 -61.89
C PHE A 142 -7.03 -12.59 -62.81
N LEU A 143 -6.42 -12.92 -63.95
CA LEU A 143 -6.08 -11.92 -64.96
C LEU A 143 -7.19 -11.74 -65.96
N LEU A 144 -7.47 -10.48 -66.29
CA LEU A 144 -8.38 -10.14 -67.37
C LEU A 144 -7.79 -10.66 -68.68
N PRO A 145 -8.64 -10.99 -69.68
CA PRO A 145 -8.06 -11.47 -70.92
C PRO A 145 -7.36 -10.34 -71.67
N GLY A 146 -6.19 -10.67 -72.22
CA GLY A 146 -5.29 -9.67 -72.79
C GLY A 146 -4.05 -9.55 -71.93
N TRP A 147 -4.20 -9.87 -70.64
CA TRP A 147 -3.11 -9.77 -69.69
C TRP A 147 -2.40 -11.11 -69.47
N SER A 148 -1.12 -11.06 -69.13
CA SER A 148 -0.27 -12.23 -69.06
C SER A 148 0.76 -12.14 -67.92
N PRO A 149 1.06 -13.29 -67.29
CA PRO A 149 2.04 -13.48 -66.19
C PRO A 149 3.44 -12.88 -66.35
N GLY A 150 3.69 -12.19 -67.46
CA GLY A 150 5.00 -11.55 -67.69
C GLY A 150 5.39 -10.52 -66.64
N PRO A 151 6.63 -10.03 -66.72
CA PRO A 151 7.12 -8.99 -65.82
C PRO A 151 6.44 -7.64 -66.03
N PHE A 152 5.73 -7.48 -67.16
CA PHE A 152 4.99 -6.26 -67.44
C PHE A 152 3.88 -6.04 -66.43
N PHE A 153 3.17 -7.13 -66.11
CA PHE A 153 2.15 -7.13 -65.07
C PHE A 153 2.79 -6.87 -63.72
N TRP A 154 3.79 -7.69 -63.39
CA TRP A 154 4.53 -7.56 -62.13
C TRP A 154 4.87 -6.10 -61.81
N PHE A 155 5.59 -5.46 -62.73
CA PHE A 155 5.99 -4.07 -62.61
C PHE A 155 4.79 -3.12 -62.49
N VAL A 156 3.77 -3.35 -63.33
CA VAL A 156 2.60 -2.46 -63.37
C VAL A 156 1.72 -2.58 -62.11
N VAL A 157 1.81 -3.72 -61.41
CA VAL A 157 1.13 -3.87 -60.11
C VAL A 157 1.95 -3.19 -59.01
N VAL A 158 3.25 -3.49 -58.98
CA VAL A 158 4.18 -2.82 -58.06
C VAL A 158 4.01 -1.29 -58.08
N VAL A 159 3.86 -0.72 -59.27
CA VAL A 159 3.62 0.73 -59.40
C VAL A 159 2.26 1.14 -58.83
N THR A 160 1.21 0.46 -59.28
CA THR A 160 -0.16 0.69 -58.78
C THR A 160 -0.20 0.61 -57.26
N GLN A 161 0.57 -0.32 -56.69
CA GLN A 161 0.58 -0.56 -55.25
C GLN A 161 1.40 0.45 -54.45
N VAL A 162 2.50 0.94 -55.03
CA VAL A 162 3.31 1.96 -54.36
C VAL A 162 2.64 3.32 -54.51
N ALA A 163 2.04 3.56 -55.68
CA ALA A 163 1.22 4.75 -55.89
C ALA A 163 0.09 4.82 -54.87
N GLY A 164 -0.63 3.70 -54.73
CA GLY A 164 -1.77 3.61 -53.84
C GLY A 164 -1.43 3.76 -52.38
N ILE A 165 -0.39 3.08 -51.92
CA ILE A 165 -0.01 3.15 -50.51
C ILE A 165 0.48 4.54 -50.13
N ALA A 166 1.33 5.13 -50.98
CA ALA A 166 1.89 6.47 -50.76
C ALA A 166 0.78 7.51 -50.69
N LEU A 167 -0.11 7.51 -51.69
CA LEU A 167 -1.31 8.33 -51.68
C LEU A 167 -1.96 8.22 -50.31
N LEU A 168 -2.26 6.98 -49.92
CA LEU A 168 -3.05 6.69 -48.74
C LEU A 168 -2.36 7.02 -47.43
N LEU A 169 -1.09 6.68 -47.32
CA LEU A 169 -0.34 6.94 -46.09
C LEU A 169 -0.20 8.44 -45.85
N TRP A 170 -0.08 9.20 -46.93
CA TRP A 170 -0.11 10.65 -46.88
C TRP A 170 -1.48 11.11 -46.38
N MET A 171 -2.54 10.56 -46.96
CA MET A 171 -3.92 10.84 -46.53
C MET A 171 -4.09 10.54 -45.05
N ALA A 172 -3.43 9.48 -44.58
CA ALA A 172 -3.52 9.07 -43.19
C ALA A 172 -3.05 10.19 -42.28
N GLU A 173 -1.81 10.63 -42.47
CA GLU A 173 -1.18 11.57 -41.55
C GLU A 173 -1.78 12.97 -41.57
N ARG A 174 -2.69 13.22 -42.53
CA ARG A 174 -3.45 14.47 -42.56
C ARG A 174 -4.60 14.41 -41.54
N ILE A 175 -5.24 13.24 -41.45
CA ILE A 175 -6.36 13.02 -40.51
C ILE A 175 -5.91 13.18 -39.06
N THR A 176 -4.61 13.03 -38.83
CA THR A 176 -4.02 13.25 -37.51
C THR A 176 -3.85 14.75 -37.22
N GLU A 177 -3.21 15.47 -38.14
CA GLU A 177 -2.88 16.89 -37.96
C GLU A 177 -4.08 17.81 -38.17
N TYR A 178 -4.69 17.73 -39.35
CA TYR A 178 -5.78 18.62 -39.74
C TYR A 178 -7.18 18.02 -39.50
N GLY A 179 -7.24 16.85 -38.86
CA GLY A 179 -8.52 16.18 -38.64
C GLY A 179 -8.79 15.71 -37.21
N ILE A 180 -9.80 14.87 -37.06
CA ILE A 180 -10.16 14.28 -35.77
C ILE A 180 -9.30 13.06 -35.51
N GLY A 181 -8.95 12.84 -34.25
CA GLY A 181 -8.33 11.60 -33.79
C GLY A 181 -7.03 11.20 -34.48
N ASN A 182 -7.00 9.97 -34.98
CA ASN A 182 -5.80 9.44 -35.64
C ASN A 182 -6.11 8.84 -37.01
N GLY A 183 -5.32 9.27 -38.00
CA GLY A 183 -5.51 8.85 -39.38
C GLY A 183 -5.62 7.36 -39.61
N THR A 184 -4.49 6.67 -39.52
CA THR A 184 -4.42 5.23 -39.67
C THR A 184 -5.61 4.57 -38.98
N SER A 185 -5.68 4.75 -37.66
CA SER A 185 -6.78 4.29 -36.84
C SER A 185 -8.14 4.45 -37.52
N LEU A 186 -8.44 5.68 -37.93
CA LEU A 186 -9.71 5.99 -38.56
C LEU A 186 -9.89 5.34 -39.92
N ILE A 187 -8.79 5.07 -40.62
CA ILE A 187 -8.84 4.43 -41.94
C ILE A 187 -9.29 2.97 -41.79
N ILE A 188 -8.61 2.24 -40.89
CA ILE A 188 -8.97 0.88 -40.56
C ILE A 188 -10.44 0.89 -40.19
N PHE A 189 -10.77 1.68 -39.17
CA PHE A 189 -12.14 1.88 -38.71
C PHE A 189 -13.16 2.08 -39.83
N ALA A 190 -12.79 2.85 -40.86
CA ALA A 190 -13.67 3.12 -41.99
C ALA A 190 -13.93 1.86 -42.80
N GLY A 191 -12.88 1.06 -43.02
CA GLY A 191 -12.98 -0.17 -43.79
C GLY A 191 -13.99 -1.16 -43.25
N ILE A 192 -13.99 -1.36 -41.93
CA ILE A 192 -14.92 -2.26 -41.26
C ILE A 192 -16.33 -1.72 -41.36
N VAL A 193 -16.54 -0.50 -40.90
CA VAL A 193 -17.89 0.04 -40.69
C VAL A 193 -18.65 0.37 -41.99
N VAL A 194 -17.92 0.56 -43.09
CA VAL A 194 -18.53 0.81 -44.41
C VAL A 194 -19.52 -0.28 -44.77
N GLU A 195 -19.10 -1.51 -44.48
CA GLU A 195 -19.81 -2.69 -44.93
C GLU A 195 -20.95 -3.03 -43.98
N TRP A 196 -21.16 -2.16 -42.99
CA TRP A 196 -22.19 -2.34 -41.95
C TRP A 196 -23.61 -2.04 -42.43
N LEU A 197 -23.83 -0.84 -42.95
CA LEU A 197 -25.17 -0.42 -43.37
C LEU A 197 -25.84 -1.35 -44.39
N PRO A 198 -25.16 -1.63 -45.52
CA PRO A 198 -25.77 -2.55 -46.49
C PRO A 198 -26.04 -3.92 -45.86
N GLN A 199 -25.11 -4.42 -45.05
CA GLN A 199 -25.28 -5.69 -44.34
C GLN A 199 -26.55 -5.66 -43.49
N ILE A 200 -26.66 -4.67 -42.61
CA ILE A 200 -27.85 -4.49 -41.77
C ILE A 200 -29.12 -4.45 -42.63
N LEU A 201 -29.04 -3.74 -43.75
CA LEU A 201 -30.16 -3.66 -44.71
C LEU A 201 -30.51 -5.01 -45.32
N ARG A 202 -29.51 -5.71 -45.85
CA ARG A 202 -29.72 -7.00 -46.52
C ARG A 202 -30.23 -8.09 -45.58
N THR A 203 -29.86 -7.98 -44.30
CA THR A 203 -30.26 -8.96 -43.29
C THR A 203 -31.77 -8.94 -43.04
N ILE A 204 -32.35 -7.74 -43.11
CA ILE A 204 -33.78 -7.57 -42.84
C ILE A 204 -34.62 -7.77 -44.12
N GLY A 205 -33.96 -7.75 -45.27
CA GLY A 205 -34.60 -8.12 -46.53
C GLY A 205 -34.81 -9.62 -46.61
N LEU A 206 -33.89 -10.36 -46.00
CA LEU A 206 -33.89 -11.83 -45.99
C LEU A 206 -34.63 -12.43 -44.77
N ILE A 207 -35.00 -11.56 -43.83
CA ILE A 207 -35.87 -11.94 -42.73
C ILE A 207 -37.26 -12.19 -43.29
N ARG A 208 -37.59 -11.47 -44.37
CA ARG A 208 -38.89 -11.51 -45.01
C ARG A 208 -39.14 -12.83 -45.74
N THR A 209 -38.18 -13.25 -46.56
CA THR A 209 -38.28 -14.50 -47.31
C THR A 209 -38.58 -15.72 -46.41
N GLY A 210 -38.25 -15.59 -45.13
CA GLY A 210 -38.43 -16.66 -44.15
C GLY A 210 -37.12 -17.34 -43.80
N GLU A 211 -36.02 -16.86 -44.39
CA GLU A 211 -34.68 -17.39 -44.14
C GLU A 211 -34.17 -17.02 -42.74
N VAL A 212 -34.46 -15.80 -42.29
CA VAL A 212 -34.12 -15.35 -40.94
C VAL A 212 -35.39 -14.96 -40.19
N ASN A 213 -35.39 -15.10 -38.86
CA ASN A 213 -36.50 -14.62 -38.02
C ASN A 213 -36.06 -13.46 -37.15
N LEU A 214 -37.02 -12.63 -36.72
CA LEU A 214 -36.71 -11.39 -35.99
C LEU A 214 -36.32 -11.63 -34.52
N VAL A 215 -36.48 -12.86 -34.05
CA VAL A 215 -36.06 -13.24 -32.70
C VAL A 215 -34.52 -13.26 -32.64
N ALA A 216 -33.91 -14.02 -33.56
CA ALA A 216 -32.46 -14.16 -33.63
C ALA A 216 -31.76 -12.83 -33.93
N PHE A 217 -32.26 -12.11 -34.93
CA PHE A 217 -31.69 -10.82 -35.30
C PHE A 217 -31.75 -9.82 -34.14
N LEU A 218 -32.90 -9.76 -33.47
CA LEU A 218 -33.04 -8.86 -32.32
C LEU A 218 -32.17 -9.30 -31.15
N PHE A 219 -31.73 -10.55 -31.16
CA PHE A 219 -30.78 -11.02 -30.15
C PHE A 219 -29.37 -10.55 -30.51
N PHE A 220 -29.08 -10.54 -31.80
CA PHE A 220 -27.76 -10.13 -32.29
C PHE A 220 -27.49 -8.65 -32.08
N LEU A 221 -28.43 -7.81 -32.51
CA LEU A 221 -28.30 -6.36 -32.33
C LEU A 221 -28.31 -5.97 -30.86
N ALA A 222 -29.01 -6.74 -30.04
CA ALA A 222 -28.99 -6.56 -28.59
C ALA A 222 -27.58 -6.80 -28.03
N PHE A 223 -26.95 -7.86 -28.53
CA PHE A 223 -25.60 -8.22 -28.11
C PHE A 223 -24.54 -7.20 -28.51
N ILE A 224 -24.60 -6.71 -29.75
CA ILE A 224 -23.68 -5.66 -30.20
C ILE A 224 -23.74 -4.48 -29.23
N VAL A 225 -24.96 -4.03 -28.91
CA VAL A 225 -25.20 -2.95 -27.96
C VAL A 225 -24.68 -3.30 -26.57
N LEU A 226 -24.97 -4.52 -26.12
CA LEU A 226 -24.45 -5.04 -24.86
C LEU A 226 -22.92 -4.98 -24.83
N ALA A 227 -22.29 -5.50 -25.88
CA ALA A 227 -20.84 -5.49 -26.02
C ALA A 227 -20.32 -4.06 -25.98
N PHE A 228 -20.84 -3.21 -26.86
CA PHE A 228 -20.53 -1.78 -26.87
C PHE A 228 -20.58 -1.18 -25.48
N ALA A 229 -21.55 -1.64 -24.68
CA ALA A 229 -21.74 -1.14 -23.33
C ALA A 229 -20.66 -1.65 -22.38
N GLY A 230 -20.53 -2.97 -22.28
CA GLY A 230 -19.55 -3.60 -21.38
C GLY A 230 -18.18 -2.97 -21.48
N MET A 231 -17.73 -2.78 -22.71
CA MET A 231 -16.46 -2.12 -22.98
C MET A 231 -16.46 -0.68 -22.49
N ALA A 232 -17.57 0.02 -22.71
CA ALA A 232 -17.74 1.37 -22.20
C ALA A 232 -17.72 1.38 -20.66
N ALA A 233 -18.26 0.33 -20.04
CA ALA A 233 -18.25 0.17 -18.59
C ALA A 233 -16.84 -0.08 -18.09
N VAL A 234 -16.08 -0.87 -18.85
CA VAL A 234 -14.73 -1.26 -18.48
C VAL A 234 -13.73 -0.10 -18.62
N GLN A 235 -13.85 0.67 -19.70
CA GLN A 235 -12.98 1.84 -19.89
C GLN A 235 -13.11 2.83 -18.73
N GLN A 236 -14.35 3.08 -18.31
CA GLN A 236 -14.66 4.01 -17.20
C GLN A 236 -14.13 3.48 -15.86
N ALA A 237 -14.17 2.16 -15.69
CA ALA A 237 -13.75 1.48 -14.46
C ALA A 237 -12.29 1.72 -14.11
N GLU A 238 -12.05 2.11 -12.86
CA GLU A 238 -10.71 2.38 -12.32
C GLU A 238 -10.56 1.83 -10.92
N ARG A 239 -9.35 1.50 -10.50
CA ARG A 239 -9.09 1.29 -9.08
C ARG A 239 -8.19 2.38 -8.57
N ARG A 240 -8.66 3.08 -7.53
CA ARG A 240 -7.91 4.18 -6.97
C ARG A 240 -7.10 3.70 -5.79
N ILE A 241 -5.79 3.92 -5.89
CA ILE A 241 -4.86 3.59 -4.82
C ILE A 241 -4.57 4.90 -4.08
N PRO A 242 -4.90 4.95 -2.78
CA PRO A 242 -4.80 6.22 -2.08
C PRO A 242 -3.34 6.62 -1.87
N VAL A 243 -3.03 7.88 -2.12
CA VAL A 243 -1.74 8.42 -1.70
C VAL A 243 -1.95 9.50 -0.66
N GLN A 244 -0.87 9.94 -0.04
CA GLN A 244 -0.93 11.03 0.93
C GLN A 244 0.43 11.71 0.98
N TYR A 245 0.41 13.02 1.18
CA TYR A 245 1.63 13.81 1.12
C TYR A 245 1.95 14.52 2.44
N ALA A 246 3.25 14.61 2.72
CA ALA A 246 3.75 15.13 3.99
C ALA A 246 3.68 16.65 4.07
N ARG A 247 3.72 17.17 5.30
CA ARG A 247 3.81 18.61 5.52
C ARG A 247 5.23 19.10 5.22
N TYR A 255 4.17 24.26 3.22
CA TYR A 255 3.13 23.23 3.30
C TYR A 255 3.15 22.35 2.06
N GLY A 256 2.00 21.75 1.76
CA GLY A 256 1.84 20.85 0.62
C GLY A 256 1.59 19.43 1.06
N GLY A 257 0.61 19.26 1.94
CA GLY A 257 0.30 17.96 2.52
C GLY A 257 -1.18 17.62 2.55
N GLN A 258 -1.62 16.89 1.52
CA GLN A 258 -2.99 16.35 1.48
C GLN A 258 -3.09 15.08 0.61
N ALA A 259 -4.27 14.47 0.62
CA ALA A 259 -4.51 13.16 -0.02
C ALA A 259 -4.89 13.25 -1.49
N THR A 260 -4.51 12.22 -2.25
CA THR A 260 -4.83 12.09 -3.67
C THR A 260 -5.02 10.60 -3.95
N TYR A 261 -5.20 10.26 -5.21
CA TYR A 261 -5.25 8.86 -5.65
C TYR A 261 -4.47 8.67 -6.95
N ILE A 262 -3.77 7.55 -7.05
CA ILE A 262 -3.12 7.15 -8.30
C ILE A 262 -4.02 6.12 -9.00
N PRO A 263 -4.52 6.47 -10.21
CA PRO A 263 -5.52 5.63 -10.86
C PRO A 263 -4.91 4.48 -11.64
N ILE A 264 -5.40 3.27 -11.38
CA ILE A 264 -5.02 2.11 -12.15
C ILE A 264 -6.22 1.63 -12.98
N LYS A 265 -6.15 1.87 -14.29
CA LYS A 265 -7.19 1.46 -15.22
C LYS A 265 -7.10 -0.04 -15.51
N LEU A 266 -8.19 -0.59 -16.04
CA LEU A 266 -8.22 -2.01 -16.39
C LEU A 266 -7.55 -2.24 -17.75
N ASN A 267 -7.75 -1.30 -18.68
CA ASN A 267 -7.08 -1.31 -19.99
C ASN A 267 -6.64 0.08 -20.46
N ALA A 268 -5.33 0.31 -20.47
CA ALA A 268 -4.80 1.58 -20.97
C ALA A 268 -5.13 1.69 -22.45
N ALA A 269 -5.74 2.81 -22.83
CA ALA A 269 -6.29 3.05 -24.18
C ALA A 269 -5.94 1.97 -25.21
N GLY A 270 -6.62 0.83 -25.08
CA GLY A 270 -6.27 -0.41 -25.77
C GLY A 270 -6.54 -0.41 -27.27
N VAL A 271 -6.35 0.73 -27.90
CA VAL A 271 -6.60 0.87 -29.33
C VAL A 271 -5.53 0.18 -30.16
N ILE A 272 -4.30 0.28 -29.70
CA ILE A 272 -3.15 -0.14 -30.50
C ILE A 272 -2.94 -1.65 -30.47
N PRO A 273 -2.99 -2.27 -29.28
CA PRO A 273 -2.68 -3.70 -29.18
C PRO A 273 -3.67 -4.54 -29.97
N ILE A 274 -4.84 -3.98 -30.21
CA ILE A 274 -5.89 -4.67 -30.92
C ILE A 274 -5.65 -4.65 -32.43
N ILE A 275 -5.37 -3.49 -33.01
CA ILE A 275 -4.98 -3.39 -34.42
C ILE A 275 -3.69 -4.17 -34.67
N PHE A 276 -2.78 -4.10 -33.70
CA PHE A 276 -1.55 -4.90 -33.70
C PHE A 276 -1.81 -6.40 -33.79
N ALA A 277 -2.52 -6.93 -32.80
CA ALA A 277 -2.89 -8.34 -32.77
C ALA A 277 -3.54 -8.81 -34.08
N ALA A 278 -4.43 -7.99 -34.63
CA ALA A 278 -5.10 -8.27 -35.91
C ALA A 278 -4.08 -8.42 -37.03
N ALA A 279 -3.22 -7.41 -37.17
CA ALA A 279 -2.16 -7.45 -38.16
C ALA A 279 -1.35 -8.76 -38.02
N ILE A 280 -0.84 -9.01 -36.82
CA ILE A 280 -0.05 -10.21 -36.54
C ILE A 280 -0.74 -11.46 -37.03
N LEU A 281 -2.02 -11.60 -36.72
CA LEU A 281 -2.77 -12.79 -37.07
C LEU A 281 -2.85 -12.98 -38.57
N GLN A 282 -2.79 -11.88 -39.30
CA GLN A 282 -2.85 -11.92 -40.76
C GLN A 282 -1.54 -12.34 -41.39
N ILE A 283 -0.43 -12.17 -40.69
CA ILE A 283 0.88 -12.50 -41.25
C ILE A 283 0.93 -13.94 -41.77
N PRO A 284 0.52 -14.94 -40.94
CA PRO A 284 0.46 -16.31 -41.44
C PRO A 284 -0.45 -16.46 -42.67
N ILE A 285 -1.68 -15.97 -42.56
CA ILE A 285 -2.63 -16.02 -43.68
C ILE A 285 -2.01 -15.42 -44.93
N PHE A 286 -1.58 -14.16 -44.83
CA PHE A 286 -1.09 -13.42 -45.98
C PHE A 286 0.06 -14.12 -46.74
N LEU A 287 0.99 -14.73 -46.01
CA LEU A 287 2.11 -15.41 -46.67
C LEU A 287 1.72 -16.78 -47.23
N ALA A 288 0.94 -17.54 -46.46
CA ALA A 288 0.62 -18.94 -46.77
C ALA A 288 -0.55 -19.17 -47.72
N ALA A 289 -1.58 -18.33 -47.65
CA ALA A 289 -2.81 -18.54 -48.41
C ALA A 289 -2.73 -18.33 -49.93
N PRO A 290 -1.97 -17.32 -50.40
CA PRO A 290 -2.00 -17.03 -51.83
C PRO A 290 -1.26 -18.05 -52.69
N PHE A 291 -0.76 -19.11 -52.07
CA PHE A 291 -0.24 -20.24 -52.81
C PHE A 291 -1.32 -21.30 -52.94
N GLN A 292 -2.11 -21.18 -54.00
CA GLN A 292 -3.35 -21.93 -54.13
C GLN A 292 -3.18 -23.44 -54.21
N ASP A 293 -2.16 -23.88 -54.95
CA ASP A 293 -1.98 -25.31 -55.22
C ASP A 293 -1.26 -26.05 -54.11
N ASN A 294 -0.63 -25.32 -53.20
CA ASN A 294 0.16 -25.96 -52.16
C ASN A 294 -0.65 -26.29 -50.92
N PRO A 295 -0.85 -27.60 -50.65
CA PRO A 295 -1.67 -28.07 -49.53
C PRO A 295 -1.07 -27.76 -48.18
N VAL A 296 0.25 -27.82 -48.07
CA VAL A 296 0.93 -27.58 -46.79
C VAL A 296 0.65 -26.15 -46.34
N LEU A 297 0.74 -25.22 -47.29
CA LEU A 297 0.53 -23.79 -47.02
C LEU A 297 -0.94 -23.45 -46.73
N GLN A 298 -1.84 -24.12 -47.44
CA GLN A 298 -3.27 -23.93 -47.23
C GLN A 298 -3.69 -24.38 -45.84
N GLY A 299 -3.05 -25.44 -45.36
CA GLY A 299 -3.18 -25.84 -43.96
C GLY A 299 -2.72 -24.73 -43.02
N ILE A 300 -1.55 -24.18 -43.29
CA ILE A 300 -0.99 -23.11 -42.45
C ILE A 300 -1.99 -21.97 -42.36
N ALA A 301 -2.47 -21.51 -43.52
CA ALA A 301 -3.40 -20.38 -43.60
C ALA A 301 -4.73 -20.69 -42.94
N ASN A 302 -5.28 -21.86 -43.26
CA ASN A 302 -6.58 -22.24 -42.73
C ASN A 302 -6.58 -22.51 -41.21
N PHE A 303 -5.40 -22.66 -40.64
CA PHE A 303 -5.22 -22.80 -39.20
C PHE A 303 -5.57 -21.48 -38.52
N PHE A 304 -5.08 -20.38 -39.09
CA PHE A 304 -5.20 -19.06 -38.48
C PHE A 304 -6.48 -18.33 -38.87
N ASN A 305 -7.27 -18.94 -39.75
CA ASN A 305 -8.59 -18.40 -40.14
C ASN A 305 -9.45 -18.16 -38.89
N PRO A 306 -9.74 -16.88 -38.58
CA PRO A 306 -10.41 -16.44 -37.36
C PRO A 306 -11.85 -16.93 -37.20
N THR A 307 -12.47 -17.39 -38.29
CA THR A 307 -13.81 -17.96 -38.22
C THR A 307 -13.75 -19.34 -37.60
N ARG A 308 -12.85 -20.18 -38.12
CA ARG A 308 -12.61 -21.52 -37.59
C ARG A 308 -12.06 -21.45 -36.15
N PRO A 309 -12.45 -22.39 -35.28
CA PRO A 309 -12.10 -22.36 -33.84
C PRO A 309 -10.60 -22.32 -33.55
N SER A 310 -9.80 -23.01 -34.36
CA SER A 310 -8.35 -23.03 -34.22
C SER A 310 -7.77 -21.63 -34.33
N GLY A 311 -8.18 -20.92 -35.37
CA GLY A 311 -7.72 -19.56 -35.64
C GLY A 311 -8.28 -18.57 -34.66
N LEU A 312 -9.55 -18.73 -34.31
CA LEU A 312 -10.21 -17.89 -33.31
C LEU A 312 -9.48 -17.96 -31.97
N PHE A 313 -9.05 -19.16 -31.60
CA PHE A 313 -8.26 -19.35 -30.39
C PHE A 313 -6.90 -18.67 -30.49
N ILE A 314 -6.24 -18.81 -31.64
CA ILE A 314 -4.97 -18.13 -31.87
C ILE A 314 -5.18 -16.61 -31.84
N GLU A 315 -6.34 -16.16 -32.36
CA GLU A 315 -6.71 -14.75 -32.33
C GLU A 315 -6.94 -14.26 -30.91
N VAL A 316 -7.68 -15.05 -30.12
CA VAL A 316 -8.05 -14.64 -28.77
C VAL A 316 -6.85 -14.59 -27.80
N LEU A 317 -5.94 -15.58 -27.90
CA LEU A 317 -4.69 -15.57 -27.12
C LEU A 317 -3.85 -14.37 -27.50
N LEU A 318 -3.99 -13.91 -28.73
CA LEU A 318 -3.24 -12.78 -29.22
C LEU A 318 -3.73 -11.48 -28.61
N VAL A 319 -5.06 -11.27 -28.65
CA VAL A 319 -5.66 -10.04 -28.11
C VAL A 319 -5.36 -9.92 -26.61
N ILE A 320 -5.37 -11.04 -25.92
CA ILE A 320 -4.99 -11.06 -24.50
C ILE A 320 -3.60 -10.49 -24.36
N LEU A 321 -2.63 -11.19 -24.96
CA LEU A 321 -1.23 -10.90 -24.80
C LEU A 321 -0.95 -9.45 -25.13
N PHE A 322 -1.38 -9.02 -26.31
CA PHE A 322 -1.15 -7.66 -26.76
C PHE A 322 -1.77 -6.62 -25.85
N THR A 323 -2.94 -6.94 -25.30
CA THR A 323 -3.59 -6.02 -24.39
C THR A 323 -2.85 -5.95 -23.06
N TYR A 324 -2.62 -7.12 -22.45
CA TYR A 324 -1.90 -7.20 -21.17
C TYR A 324 -0.58 -6.44 -21.21
N VAL A 325 0.26 -6.77 -22.20
CA VAL A 325 1.59 -6.18 -22.35
C VAL A 325 1.52 -4.68 -22.67
N TYR A 326 0.44 -4.25 -23.30
CA TYR A 326 0.25 -2.82 -23.54
C TYR A 326 -0.10 -2.11 -22.24
N THR A 327 -1.25 -2.45 -21.67
CA THR A 327 -1.73 -1.86 -20.42
C THR A 327 -0.69 -1.98 -19.30
N ALA A 328 -0.16 -3.18 -19.09
CA ALA A 328 0.77 -3.45 -17.99
C ALA A 328 2.08 -2.68 -18.08
N VAL A 329 2.58 -2.45 -19.28
CA VAL A 329 3.86 -1.74 -19.43
C VAL A 329 3.64 -0.29 -19.80
N GLN A 330 3.47 0.54 -18.79
CA GLN A 330 3.38 1.98 -18.97
C GLN A 330 4.37 2.68 -18.03
N PHE A 331 5.63 2.22 -18.10
CA PHE A 331 6.71 2.53 -17.14
C PHE A 331 6.24 2.73 -15.67
N ASP A 332 5.51 1.72 -15.17
CA ASP A 332 4.74 1.85 -13.94
C ASP A 332 5.55 1.84 -12.61
N PRO A 333 5.56 0.70 -11.89
CA PRO A 333 5.84 0.70 -10.46
C PRO A 333 7.08 1.48 -10.01
N LYS A 334 8.27 0.99 -10.34
CA LYS A 334 9.51 1.47 -9.69
C LYS A 334 9.76 2.98 -9.70
N ARG A 335 9.37 3.66 -10.79
CA ARG A 335 9.52 5.12 -10.85
C ARG A 335 8.54 5.81 -9.91
N ILE A 336 7.30 5.31 -9.90
CA ILE A 336 6.23 5.81 -9.03
C ILE A 336 6.66 5.78 -7.56
N ALA A 337 7.20 4.64 -7.14
CA ALA A 337 7.70 4.48 -5.77
C ALA A 337 8.81 5.50 -5.43
N GLU A 338 9.70 5.74 -6.39
CA GLU A 338 10.78 6.72 -6.22
C GLU A 338 10.27 8.15 -6.30
N SER A 339 9.40 8.44 -7.27
CA SER A 339 8.83 9.78 -7.48
C SER A 339 8.13 10.31 -6.22
N LEU A 340 7.50 9.40 -5.47
CA LEU A 340 6.87 9.73 -4.19
C LEU A 340 7.86 10.38 -3.22
N ARG A 341 9.16 10.22 -3.49
CA ARG A 341 10.19 10.94 -2.75
C ARG A 341 10.18 12.46 -2.97
N GLU A 342 9.82 12.88 -4.19
CA GLU A 342 9.85 14.30 -4.60
C GLU A 342 9.44 15.24 -3.45
N TYR A 343 8.14 15.26 -3.16
CA TYR A 343 7.64 15.75 -1.88
C TYR A 343 6.99 14.56 -1.18
N GLY A 344 7.52 14.23 0.00
CA GLY A 344 7.16 13.02 0.75
C GLY A 344 5.77 12.46 0.53
N GLY A 345 5.65 11.52 -0.41
CA GLY A 345 4.40 10.85 -0.71
C GLY A 345 4.45 9.37 -0.35
N PHE A 346 3.29 8.81 0.02
CA PHE A 346 3.23 7.42 0.42
C PHE A 346 1.83 6.86 0.20
N ILE A 347 1.74 5.54 0.05
CA ILE A 347 0.45 4.87 0.07
C ILE A 347 0.17 4.51 1.53
N PRO A 348 -0.84 5.17 2.13
CA PRO A 348 -1.22 4.97 3.52
C PRO A 348 -1.11 3.52 3.94
N GLY A 349 -0.41 3.28 5.05
CA GLY A 349 -0.33 1.95 5.65
C GLY A 349 0.73 1.01 5.08
N ILE A 350 1.20 1.32 3.88
CA ILE A 350 2.17 0.50 3.18
C ILE A 350 3.54 1.18 3.17
N ARG A 351 4.55 0.47 3.66
CA ARG A 351 5.92 0.99 3.75
C ARG A 351 6.39 1.62 2.45
N PRO A 352 7.10 2.76 2.55
CA PRO A 352 7.69 3.36 1.36
C PRO A 352 8.83 2.50 0.82
N GLY A 353 9.03 2.50 -0.48
CA GLY A 353 10.17 1.80 -1.09
C GLY A 353 9.79 0.47 -1.75
N GLU A 354 10.61 -0.56 -1.51
CA GLU A 354 10.39 -1.87 -2.10
C GLU A 354 8.95 -2.38 -1.89
N PRO A 355 8.46 -2.39 -0.63
CA PRO A 355 7.06 -2.73 -0.37
C PRO A 355 6.00 -1.92 -1.13
N THR A 356 6.35 -0.71 -1.56
CA THR A 356 5.46 0.09 -2.40
C THR A 356 5.49 -0.47 -3.81
N VAL A 357 6.69 -0.71 -4.33
CA VAL A 357 6.86 -1.32 -5.65
C VAL A 357 6.04 -2.61 -5.70
N LYS A 358 6.36 -3.57 -4.85
CA LYS A 358 5.66 -4.86 -4.80
C LYS A 358 4.15 -4.73 -4.57
N PHE A 359 3.76 -3.65 -3.91
CA PHE A 359 2.34 -3.35 -3.73
C PHE A 359 1.75 -3.00 -5.08
N LEU A 360 2.27 -1.95 -5.70
CA LEU A 360 1.71 -1.47 -6.97
C LEU A 360 1.82 -2.54 -8.06
N GLU A 361 2.95 -3.24 -8.09
CA GLU A 361 3.18 -4.35 -9.02
C GLU A 361 2.04 -5.35 -8.97
N HIS A 362 1.85 -5.92 -7.78
CA HIS A 362 0.78 -6.85 -7.50
C HIS A 362 -0.57 -6.34 -8.01
N ILE A 363 -1.01 -5.19 -7.51
CA ILE A 363 -2.27 -4.62 -7.95
C ILE A 363 -2.37 -4.49 -9.47
N VAL A 364 -1.39 -3.84 -10.11
CA VAL A 364 -1.40 -3.64 -11.56
C VAL A 364 -1.47 -4.97 -12.30
N SER A 365 -0.69 -5.95 -11.83
CA SER A 365 -0.71 -7.30 -12.42
C SER A 365 -2.09 -7.90 -12.35
N ARG A 366 -2.59 -8.13 -11.14
CA ARG A 366 -3.92 -8.72 -10.92
C ARG A 366 -5.03 -7.95 -11.61
N LEU A 367 -4.90 -6.63 -11.70
CA LEU A 367 -5.89 -5.82 -12.42
C LEU A 367 -5.83 -5.99 -13.94
N THR A 368 -4.79 -5.42 -14.55
CA THR A 368 -4.53 -5.56 -15.98
C THR A 368 -5.02 -6.88 -16.59
N LEU A 369 -4.88 -7.97 -15.83
CA LEU A 369 -5.26 -9.30 -16.28
C LEU A 369 -6.76 -9.43 -16.53
N TRP A 370 -7.58 -8.90 -15.61
CA TRP A 370 -9.02 -8.87 -15.83
C TRP A 370 -9.39 -8.03 -17.03
N GLY A 371 -8.66 -6.94 -17.23
CA GLY A 371 -8.82 -6.07 -18.39
C GLY A 371 -8.62 -6.83 -19.69
N ALA A 372 -7.53 -7.59 -19.77
CA ALA A 372 -7.24 -8.45 -20.92
C ALA A 372 -8.32 -9.52 -21.11
N LEU A 373 -8.50 -10.38 -20.10
CA LEU A 373 -9.49 -11.46 -20.19
C LEU A 373 -10.83 -10.98 -20.72
N PHE A 374 -11.32 -9.85 -20.19
CA PHE A 374 -12.57 -9.32 -20.68
C PHE A 374 -12.52 -9.13 -22.18
N LEU A 375 -11.50 -8.42 -22.67
CA LEU A 375 -11.35 -8.12 -24.10
C LEU A 375 -11.28 -9.39 -24.94
N GLY A 376 -10.85 -10.48 -24.32
CA GLY A 376 -10.86 -11.82 -24.93
C GLY A 376 -12.24 -12.45 -25.07
N LEU A 377 -13.15 -12.13 -24.15
CA LEU A 377 -14.52 -12.57 -24.34
C LEU A 377 -15.13 -11.83 -25.52
N VAL A 378 -14.87 -10.53 -25.60
CA VAL A 378 -15.41 -9.68 -26.66
C VAL A 378 -14.94 -10.15 -28.03
N THR A 379 -13.78 -10.80 -28.06
CA THR A 379 -13.27 -11.35 -29.29
C THR A 379 -13.97 -12.66 -29.61
N LEU A 380 -14.01 -13.56 -28.62
CA LEU A 380 -14.48 -14.94 -28.79
C LEU A 380 -16.00 -15.08 -28.95
N LEU A 381 -16.74 -14.35 -28.12
CA LEU A 381 -18.20 -14.50 -28.06
C LEU A 381 -18.98 -14.28 -29.36
N PRO A 382 -18.67 -13.21 -30.13
CA PRO A 382 -19.45 -12.96 -31.36
C PRO A 382 -19.57 -14.17 -32.27
N GLN A 383 -18.48 -14.91 -32.43
CA GLN A 383 -18.49 -16.11 -33.26
C GLN A 383 -19.53 -17.10 -32.75
N ILE A 384 -19.40 -17.53 -31.49
CA ILE A 384 -20.39 -18.41 -30.85
C ILE A 384 -21.79 -17.87 -31.19
N ILE A 385 -22.03 -16.63 -30.78
CA ILE A 385 -23.32 -15.95 -31.03
C ILE A 385 -23.69 -15.93 -32.51
N GLN A 386 -22.70 -15.71 -33.36
CA GLN A 386 -22.91 -15.71 -34.80
C GLN A 386 -23.27 -17.11 -35.30
N ASN A 387 -22.70 -18.13 -34.66
CA ASN A 387 -22.86 -19.52 -35.08
C ASN A 387 -24.25 -20.07 -34.78
N LEU A 388 -24.76 -19.75 -33.60
CA LEU A 388 -26.12 -20.17 -33.21
C LEU A 388 -27.16 -19.39 -34.02
N THR A 389 -26.86 -18.12 -34.29
CA THR A 389 -27.65 -17.31 -35.20
C THR A 389 -27.31 -17.66 -36.64
N GLY A 390 -28.23 -17.39 -37.56
CA GLY A 390 -27.98 -17.57 -38.99
C GLY A 390 -27.07 -16.49 -39.56
N ILE A 391 -26.95 -15.38 -38.83
CA ILE A 391 -26.17 -14.22 -39.29
C ILE A 391 -24.66 -14.48 -39.20
N HIS A 392 -23.94 -14.15 -40.28
CA HIS A 392 -22.51 -14.41 -40.38
C HIS A 392 -21.82 -13.31 -41.17
N SER A 393 -20.90 -12.60 -40.55
CA SER A 393 -20.03 -11.65 -41.26
C SER A 393 -18.81 -11.31 -40.43
N ILE A 394 -17.68 -11.14 -41.10
CA ILE A 394 -16.42 -10.87 -40.44
C ILE A 394 -16.41 -9.43 -39.88
N ALA A 395 -17.31 -8.59 -40.40
CA ALA A 395 -17.40 -7.20 -39.96
C ALA A 395 -17.92 -7.06 -38.52
N PHE A 396 -18.66 -8.07 -38.06
CA PHE A 396 -19.19 -8.08 -36.70
C PHE A 396 -18.60 -9.26 -35.94
N SER A 397 -17.29 -9.45 -36.09
CA SER A 397 -16.63 -10.65 -35.59
C SER A 397 -15.72 -10.40 -34.40
N GLY A 398 -16.06 -9.41 -33.59
CA GLY A 398 -15.35 -9.23 -32.33
C GLY A 398 -14.11 -8.41 -32.56
N ILE A 399 -13.17 -8.96 -33.31
CA ILE A 399 -12.07 -8.16 -33.83
C ILE A 399 -12.63 -7.06 -34.72
N GLY A 400 -13.73 -7.36 -35.40
CA GLY A 400 -14.49 -6.34 -36.11
C GLY A 400 -15.00 -5.29 -35.14
N LEU A 401 -15.57 -5.74 -34.02
CA LEU A 401 -16.17 -4.87 -33.01
C LEU A 401 -15.11 -4.08 -32.24
N LEU A 402 -14.13 -4.80 -31.70
CA LEU A 402 -13.12 -4.22 -30.81
C LEU A 402 -12.34 -3.08 -31.42
N ILE A 403 -12.08 -3.13 -32.72
CA ILE A 403 -11.43 -1.99 -33.36
C ILE A 403 -12.40 -0.82 -33.59
N VAL A 404 -13.62 -1.13 -34.00
CA VAL A 404 -14.67 -0.11 -34.19
C VAL A 404 -14.92 0.64 -32.88
N VAL A 405 -15.22 -0.11 -31.82
CA VAL A 405 -15.39 0.44 -30.48
C VAL A 405 -14.11 1.15 -30.05
N GLY A 406 -12.98 0.52 -30.36
CA GLY A 406 -11.65 1.04 -30.03
C GLY A 406 -11.42 2.43 -30.59
N VAL A 407 -11.48 2.55 -31.91
CA VAL A 407 -11.23 3.82 -32.59
C VAL A 407 -12.20 4.90 -32.14
N ALA A 408 -13.46 4.53 -31.93
CA ALA A 408 -14.46 5.46 -31.42
C ALA A 408 -13.98 6.14 -30.12
N LEU A 409 -13.69 5.34 -29.09
CA LEU A 409 -13.21 5.84 -27.81
C LEU A 409 -11.92 6.66 -27.96
N ASP A 410 -10.95 6.10 -28.66
CA ASP A 410 -9.70 6.80 -28.98
C ASP A 410 -9.97 8.17 -29.58
N THR A 411 -10.94 8.24 -30.50
CA THR A 411 -11.27 9.47 -31.19
C THR A 411 -12.03 10.44 -30.28
N LEU A 412 -12.97 9.92 -29.49
CA LEU A 412 -13.76 10.75 -28.55
C LEU A 412 -12.92 11.31 -27.39
N ARG A 413 -11.98 10.50 -26.91
CA ARG A 413 -11.07 10.87 -25.83
C ARG A 413 -10.11 12.00 -26.27
N GLN A 414 -9.66 11.93 -27.52
CA GLN A 414 -8.72 12.89 -28.10
C GLN A 414 -9.38 14.25 -28.41
N VAL A 415 -10.70 14.23 -28.54
CA VAL A 415 -11.48 15.47 -28.70
C VAL A 415 -11.44 16.31 -27.42
N GLU A 416 -11.81 15.70 -26.30
CA GLU A 416 -11.89 16.37 -25.00
C GLU A 416 -10.56 16.86 -24.44
N SER A 417 -9.48 16.12 -24.71
CA SER A 417 -8.15 16.51 -24.24
C SER A 417 -7.74 17.86 -24.82
N GLN A 418 -8.02 18.05 -26.11
CA GLN A 418 -7.81 19.35 -26.75
C GLN A 418 -9.02 20.28 -26.60
N LEU A 419 -10.22 19.72 -26.38
CA LEU A 419 -11.40 20.55 -26.14
C LEU A 419 -11.36 21.19 -24.74
N MET A 420 -10.55 20.59 -23.87
CA MET A 420 -10.17 21.18 -22.60
C MET A 420 -9.25 22.37 -22.87
N LEU A 421 -8.29 22.15 -23.77
CA LEU A 421 -7.31 23.16 -24.18
C LEU A 421 -7.93 24.30 -25.00
N ARG A 422 -8.89 23.96 -25.86
CA ARG A 422 -9.60 24.95 -26.69
C ARG A 422 -10.80 25.52 -25.94
N ALA B 12 -1.69 -14.88 -11.46
CA ALA B 12 -2.55 -15.43 -10.37
C ALA B 12 -4.03 -15.40 -10.77
N ARG B 13 -4.89 -15.88 -9.86
CA ARG B 13 -6.33 -15.97 -10.12
C ARG B 13 -7.18 -15.63 -8.89
N ALA B 14 -6.79 -14.57 -8.18
CA ALA B 14 -7.59 -14.02 -7.07
C ALA B 14 -8.28 -12.72 -7.51
N GLU B 15 -9.39 -12.39 -6.85
CA GLU B 15 -10.25 -11.27 -7.25
C GLU B 15 -10.03 -9.98 -6.45
N LEU B 16 -9.90 -8.87 -7.17
CA LEU B 16 -9.92 -7.53 -6.58
C LEU B 16 -11.23 -6.84 -6.97
N ALA B 17 -12.35 -7.51 -6.66
CA ALA B 17 -13.68 -7.02 -7.03
C ALA B 17 -13.93 -5.60 -6.52
N ARG B 18 -13.46 -5.30 -5.31
CA ARG B 18 -13.59 -3.96 -4.76
C ARG B 18 -12.70 -2.98 -5.54
N VAL B 19 -13.30 -2.42 -6.58
CA VAL B 19 -12.66 -1.52 -7.53
C VAL B 19 -13.73 -0.50 -7.91
N THR B 20 -13.36 0.76 -7.96
CA THR B 20 -14.30 1.80 -8.35
C THR B 20 -14.73 1.57 -9.79
N TRP B 21 -16.04 1.58 -10.02
CA TRP B 21 -16.58 1.74 -11.36
C TRP B 21 -17.19 3.13 -11.33
N PRO B 22 -16.35 4.19 -11.52
CA PRO B 22 -16.70 5.61 -11.28
C PRO B 22 -17.97 6.02 -12.02
N THR B 23 -18.39 5.15 -12.93
CA THR B 23 -19.66 5.24 -13.61
C THR B 23 -20.45 3.99 -13.22
N ARG B 24 -21.60 4.19 -12.58
CA ARG B 24 -22.46 3.07 -12.21
C ARG B 24 -23.56 2.89 -13.25
N GLU B 25 -24.14 4.01 -13.68
CA GLU B 25 -25.03 4.01 -14.85
C GLU B 25 -24.81 5.24 -15.74
N GLN B 26 -23.59 5.78 -15.68
CA GLN B 26 -23.09 6.68 -16.72
C GLN B 26 -22.54 5.82 -17.86
N VAL B 27 -22.33 4.54 -17.55
CA VAL B 27 -22.10 3.50 -18.54
C VAL B 27 -23.08 3.67 -19.69
N VAL B 28 -24.35 3.86 -19.34
CA VAL B 28 -25.44 4.03 -20.31
C VAL B 28 -25.19 5.20 -21.26
N GLU B 29 -24.72 6.33 -20.75
CA GLU B 29 -24.41 7.48 -21.60
C GLU B 29 -23.10 7.35 -22.35
N GLY B 30 -22.17 6.55 -21.81
CA GLY B 30 -20.98 6.14 -22.55
C GLY B 30 -21.41 5.34 -23.78
N THR B 31 -22.19 4.29 -23.56
CA THR B 31 -22.74 3.46 -24.62
C THR B 31 -23.56 4.26 -25.62
N GLN B 32 -24.22 5.30 -25.13
CA GLN B 32 -25.01 6.20 -25.98
C GLN B 32 -24.10 7.04 -26.88
N ALA B 33 -22.91 7.36 -26.39
CA ALA B 33 -21.95 8.12 -27.18
C ALA B 33 -21.35 7.26 -28.30
N ILE B 34 -20.94 6.04 -27.95
CA ILE B 34 -20.31 5.11 -28.90
C ILE B 34 -21.26 4.77 -30.05
N LEU B 35 -22.48 4.33 -29.70
CA LEU B 35 -23.49 3.98 -30.69
C LEU B 35 -23.84 5.14 -31.61
N LEU B 36 -23.71 6.37 -31.11
CA LEU B 36 -23.94 7.55 -31.92
C LEU B 36 -22.82 7.71 -32.94
N PHE B 37 -21.58 7.72 -32.45
CA PHE B 37 -20.38 7.84 -33.28
C PHE B 37 -20.40 6.90 -34.48
N THR B 38 -20.55 5.61 -34.22
CA THR B 38 -20.56 4.58 -35.26
C THR B 38 -21.70 4.79 -36.25
N LEU B 39 -22.93 4.83 -35.74
CA LEU B 39 -24.12 4.95 -36.59
C LEU B 39 -24.10 6.22 -37.44
N ALA B 40 -23.43 7.27 -36.95
CA ALA B 40 -23.18 8.48 -37.73
C ALA B 40 -22.36 8.14 -38.96
N PHE B 41 -21.07 7.88 -38.75
CA PHE B 41 -20.16 7.43 -39.80
C PHE B 41 -20.79 6.36 -40.67
N MET B 42 -21.44 5.39 -40.02
CA MET B 42 -22.12 4.30 -40.70
C MET B 42 -22.98 4.83 -41.84
N VAL B 43 -23.85 5.78 -41.52
CA VAL B 43 -24.73 6.37 -42.50
C VAL B 43 -23.99 7.35 -43.41
N ILE B 44 -23.00 8.06 -42.86
CA ILE B 44 -22.14 8.92 -43.67
C ILE B 44 -21.47 8.10 -44.75
N LEU B 45 -20.80 7.02 -44.35
CA LEU B 45 -20.05 6.15 -45.25
C LEU B 45 -20.95 5.18 -46.05
N GLY B 46 -22.15 4.92 -45.54
CA GLY B 46 -23.10 4.08 -46.26
C GLY B 46 -23.56 4.73 -47.55
N LEU B 47 -23.85 6.03 -47.47
CA LEU B 47 -24.30 6.81 -48.62
C LEU B 47 -23.18 7.06 -49.62
N TYR B 48 -21.95 7.17 -49.10
CA TYR B 48 -20.72 7.27 -49.91
C TYR B 48 -20.70 6.25 -51.04
N ASP B 49 -21.48 5.18 -50.89
CA ASP B 49 -21.61 4.17 -51.92
C ASP B 49 -22.54 4.64 -53.04
N THR B 50 -23.74 5.08 -52.65
CA THR B 50 -24.74 5.54 -53.61
C THR B 50 -24.33 6.86 -54.26
N VAL B 51 -23.63 7.71 -53.50
CA VAL B 51 -23.10 8.98 -54.04
C VAL B 51 -22.07 8.70 -55.14
N PHE B 52 -21.48 7.51 -55.12
CA PHE B 52 -20.60 7.07 -56.20
C PHE B 52 -21.34 6.23 -57.25
N ARG B 53 -22.60 5.87 -56.95
CA ARG B 53 -23.44 5.13 -57.90
C ARG B 53 -24.06 6.05 -58.96
N PHE B 54 -24.62 7.17 -58.51
CA PHE B 54 -25.20 8.17 -59.42
C PHE B 54 -24.09 8.99 -60.09
N LEU B 55 -22.85 8.77 -59.67
CA LEU B 55 -21.68 9.32 -60.35
C LEU B 55 -21.14 8.40 -61.45
N ILE B 56 -21.62 7.16 -61.49
CA ILE B 56 -21.22 6.21 -62.55
C ILE B 56 -21.90 6.54 -63.89
N GLY B 57 -23.12 7.07 -63.83
CA GLY B 57 -23.89 7.42 -65.02
C GLY B 57 -25.20 8.13 -64.69
N GLN C 1 4.14 -22.76 16.99
CA GLN C 1 3.55 -21.39 16.83
C GLN C 1 4.55 -20.28 17.21
N VAL C 2 4.22 -19.05 16.81
CA VAL C 2 5.08 -17.87 16.96
C VAL C 2 5.56 -17.60 18.38
N GLN C 3 6.88 -17.45 18.51
CA GLN C 3 7.53 -17.16 19.78
C GLN C 3 8.85 -16.43 19.51
N LEU C 4 9.09 -15.35 20.24
CA LEU C 4 10.36 -14.64 20.13
C LEU C 4 11.08 -14.62 21.48
N GLN C 5 12.30 -15.13 21.49
CA GLN C 5 13.13 -15.12 22.69
C GLN C 5 14.22 -14.08 22.58
N GLN C 6 14.36 -13.26 23.62
CA GLN C 6 15.36 -12.20 23.65
C GLN C 6 16.53 -12.60 24.56
N SER C 7 17.63 -11.87 24.45
CA SER C 7 18.75 -12.00 25.38
C SER C 7 18.34 -11.71 26.82
N GLY C 8 19.09 -12.27 27.78
CA GLY C 8 18.96 -11.89 29.17
C GLY C 8 19.46 -10.48 29.38
N ALA C 9 19.10 -9.88 30.52
CA ALA C 9 19.46 -8.49 30.83
C ALA C 9 20.97 -8.28 30.81
N GLU C 10 21.41 -7.14 30.29
CA GLU C 10 22.84 -6.83 30.20
C GLU C 10 23.24 -5.59 31.01
N LEU C 11 24.51 -5.55 31.40
CA LEU C 11 25.13 -4.39 32.01
C LEU C 11 26.29 -3.95 31.14
N MET C 12 26.61 -2.66 31.17
CA MET C 12 27.63 -2.10 30.27
C MET C 12 28.15 -0.75 30.77
N LYS C 13 29.28 -0.33 30.22
CA LYS C 13 29.98 0.87 30.66
C LYS C 13 29.96 1.98 29.62
N PRO C 14 29.88 3.26 30.08
CA PRO C 14 29.89 4.39 29.16
C PRO C 14 31.00 4.32 28.11
N GLY C 15 30.61 4.11 26.86
CA GLY C 15 31.55 4.02 25.75
C GLY C 15 31.51 2.67 25.04
N ALA C 16 31.14 1.63 25.79
CA ALA C 16 31.10 0.25 25.28
C ALA C 16 29.92 0.02 24.35
N SER C 17 29.66 -1.24 24.01
CA SER C 17 28.56 -1.59 23.11
C SER C 17 27.97 -2.97 23.38
N VAL C 18 26.78 -3.22 22.84
CA VAL C 18 26.05 -4.48 23.06
C VAL C 18 25.38 -4.96 21.79
N LYS C 19 25.43 -6.27 21.57
CA LYS C 19 24.49 -6.93 20.67
C LYS C 19 23.48 -7.63 21.52
N ILE C 20 22.20 -7.52 21.14
CA ILE C 20 21.19 -8.37 21.76
C ILE C 20 20.52 -9.26 20.72
N SER C 21 19.97 -10.38 21.19
CA SER C 21 19.47 -11.44 20.34
C SER C 21 17.95 -11.51 20.30
N CYS C 22 17.41 -11.74 19.11
CA CYS C 22 16.00 -12.06 18.95
C CYS C 22 15.87 -13.38 18.20
N LYS C 23 15.47 -14.42 18.93
CA LYS C 23 15.43 -15.79 18.42
C LYS C 23 14.03 -16.16 17.95
N ALA C 24 13.80 -16.03 16.64
CA ALA C 24 12.47 -16.19 16.06
C ALA C 24 12.14 -17.64 15.75
N THR C 25 11.01 -18.11 16.28
CA THR C 25 10.59 -19.49 16.17
C THR C 25 9.07 -19.62 16.13
N GLY C 26 8.53 -20.07 14.99
CA GLY C 26 7.11 -20.38 14.87
C GLY C 26 6.43 -19.98 13.57
N TYR C 27 7.22 -19.46 12.64
CA TYR C 27 6.73 -18.97 11.35
C TYR C 27 7.94 -18.93 10.42
N THR C 28 7.74 -18.51 9.17
CA THR C 28 8.84 -18.41 8.21
C THR C 28 9.63 -17.09 8.36
N PHE C 29 10.89 -17.22 8.80
CA PHE C 29 11.72 -16.08 9.26
C PHE C 29 12.03 -15.01 8.20
N SER C 30 12.28 -15.42 6.95
CA SER C 30 12.61 -14.48 5.88
C SER C 30 11.40 -13.67 5.39
N SER C 31 10.22 -13.99 5.90
CA SER C 31 8.96 -13.43 5.42
C SER C 31 8.43 -12.23 6.21
N TYR C 32 8.93 -12.04 7.43
CA TYR C 32 8.43 -10.99 8.31
C TYR C 32 9.55 -10.12 8.91
N TRP C 33 9.29 -8.82 8.99
CA TRP C 33 10.20 -7.84 9.58
C TRP C 33 10.43 -8.10 11.06
N ILE C 34 11.69 -7.96 11.50
CA ILE C 34 11.99 -7.88 12.92
C ILE C 34 12.32 -6.43 13.24
N ALA C 35 11.60 -5.86 14.20
CA ALA C 35 11.80 -4.47 14.58
C ALA C 35 12.27 -4.36 16.02
N TRP C 36 13.09 -3.36 16.29
CA TRP C 36 13.60 -3.11 17.63
C TRP C 36 12.95 -1.89 18.27
N VAL C 37 12.63 -2.01 19.56
CA VAL C 37 11.84 -1.00 20.27
C VAL C 37 12.51 -0.61 21.57
N LYS C 38 12.64 0.69 21.79
CA LYS C 38 13.17 1.23 23.04
C LYS C 38 12.07 1.74 23.97
N GLN C 39 12.13 1.35 25.24
CA GLN C 39 11.24 1.90 26.27
C GLN C 39 12.05 2.31 27.50
N ARG C 40 12.03 3.61 27.78
CA ARG C 40 12.78 4.15 28.90
C ARG C 40 12.00 4.02 30.21
N PRO C 41 12.73 3.92 31.35
CA PRO C 41 12.20 3.57 32.66
C PRO C 41 10.68 3.68 32.84
N GLY C 42 10.11 4.85 32.60
CA GLY C 42 8.71 5.05 32.95
C GLY C 42 7.73 5.46 31.89
N HIS C 43 8.10 5.41 30.61
CA HIS C 43 7.28 6.10 29.62
C HIS C 43 7.49 5.74 28.15
N GLY C 44 6.38 5.50 27.44
CA GLY C 44 6.34 5.44 25.97
C GLY C 44 7.24 4.42 25.32
N LEU C 45 7.04 4.21 24.03
CA LEU C 45 7.87 3.28 23.26
C LEU C 45 8.44 3.98 22.03
N GLU C 46 9.70 3.69 21.72
CA GLU C 46 10.36 4.29 20.57
C GLU C 46 10.71 3.20 19.58
N TRP C 47 10.26 3.35 18.34
CA TRP C 47 10.64 2.44 17.26
C TRP C 47 12.09 2.75 16.87
N ILE C 48 13.01 1.85 17.21
CA ILE C 48 14.43 2.00 16.85
C ILE C 48 14.64 1.86 15.34
N GLY C 49 14.14 0.76 14.80
CA GLY C 49 14.28 0.47 13.39
C GLY C 49 13.73 -0.92 13.12
N GLU C 50 14.11 -1.50 12.00
CA GLU C 50 13.63 -2.81 11.61
C GLU C 50 14.51 -3.45 10.56
N ILE C 51 14.57 -4.78 10.60
CA ILE C 51 15.32 -5.55 9.62
C ILE C 51 14.40 -6.54 8.92
N LEU C 52 14.69 -6.80 7.65
CA LEU C 52 14.01 -7.85 6.91
C LEU C 52 14.99 -8.98 6.61
N PRO C 53 14.85 -10.11 7.35
CA PRO C 53 15.79 -11.24 7.31
C PRO C 53 16.28 -11.64 5.92
N GLY C 54 15.37 -11.92 5.00
CA GLY C 54 15.72 -12.31 3.64
C GLY C 54 16.74 -11.39 2.97
N SER C 55 16.25 -10.33 2.33
CA SER C 55 17.11 -9.32 1.72
C SER C 55 17.66 -8.40 2.79
N GLY C 56 18.87 -7.87 2.56
CA GLY C 56 19.51 -6.99 3.54
C GLY C 56 18.92 -5.60 3.64
N SER C 57 17.59 -5.48 3.49
CA SER C 57 16.90 -4.19 3.55
C SER C 57 16.41 -3.87 4.97
N THR C 58 16.74 -2.67 5.44
CA THR C 58 16.45 -2.26 6.81
C THR C 58 16.07 -0.78 6.92
N ASN C 59 15.07 -0.48 7.74
CA ASN C 59 14.66 0.90 8.03
C ASN C 59 15.13 1.33 9.41
N TYR C 60 15.63 2.55 9.50
CA TYR C 60 16.13 3.09 10.75
C TYR C 60 15.39 4.35 11.13
N ASN C 61 15.05 4.49 12.41
CA ASN C 61 14.58 5.77 12.92
C ASN C 61 15.77 6.72 12.84
N GLU C 62 15.55 7.92 12.29
CA GLU C 62 16.65 8.89 12.12
C GLU C 62 17.40 9.16 13.41
N LYS C 63 16.67 9.12 14.52
CA LYS C 63 17.26 9.40 15.82
C LYS C 63 18.28 8.33 16.15
N PHE C 64 17.88 7.06 15.95
CA PHE C 64 18.72 5.92 16.32
C PHE C 64 19.73 5.54 15.23
N LYS C 65 20.05 6.49 14.36
CA LYS C 65 21.00 6.27 13.29
C LYS C 65 22.42 6.51 13.81
N GLY C 66 23.31 5.57 13.53
CA GLY C 66 24.67 5.64 14.04
C GLY C 66 24.82 4.96 15.39
N LYS C 67 23.73 4.87 16.15
CA LYS C 67 23.76 4.18 17.43
C LYS C 67 23.36 2.71 17.33
N ALA C 68 22.46 2.39 16.40
CA ALA C 68 21.93 1.03 16.30
C ALA C 68 22.28 0.37 14.95
N THR C 69 22.50 -0.95 14.98
CA THR C 69 22.74 -1.69 13.74
C THR C 69 22.19 -3.10 13.82
N PHE C 70 21.33 -3.46 12.88
CA PHE C 70 20.65 -4.74 12.92
C PHE C 70 21.31 -5.78 12.00
N THR C 71 21.22 -7.04 12.42
CA THR C 71 21.77 -8.16 11.67
C THR C 71 20.75 -9.29 11.68
N ALA C 72 20.39 -9.76 10.49
CA ALA C 72 19.48 -10.89 10.36
C ALA C 72 20.24 -12.10 9.90
N ASP C 73 20.12 -13.20 10.65
CA ASP C 73 20.83 -14.42 10.30
C ASP C 73 19.87 -15.52 9.84
N THR C 74 19.92 -15.82 8.54
CA THR C 74 19.05 -16.80 7.91
C THR C 74 19.16 -18.21 8.51
N SER C 75 20.40 -18.62 8.83
CA SER C 75 20.70 -19.95 9.37
C SER C 75 20.02 -20.24 10.71
N SER C 76 20.61 -19.78 11.82
CA SER C 76 19.92 -19.79 13.10
C SER C 76 19.09 -18.53 13.15
N ASN C 77 17.77 -18.69 13.28
CA ASN C 77 16.81 -17.59 13.15
C ASN C 77 16.97 -16.52 14.24
N THR C 78 17.94 -15.65 14.02
CA THR C 78 18.33 -14.66 15.00
C THR C 78 18.41 -13.27 14.35
N ALA C 79 17.85 -12.29 15.05
CA ALA C 79 18.02 -10.89 14.71
C ALA C 79 18.92 -10.28 15.75
N TYR C 80 19.69 -9.29 15.33
CA TYR C 80 20.66 -8.67 16.20
C TYR C 80 20.47 -7.17 16.20
N MET C 81 20.76 -6.57 17.36
CA MET C 81 20.83 -5.13 17.44
C MET C 81 22.07 -4.75 18.21
N GLN C 82 23.07 -4.28 17.48
CA GLN C 82 24.25 -3.74 18.10
C GLN C 82 24.02 -2.28 18.40
N LEU C 83 24.18 -1.92 19.66
CA LEU C 83 24.10 -0.53 20.10
C LEU C 83 25.51 -0.01 20.31
N SER C 84 25.80 1.13 19.69
CA SER C 84 27.16 1.66 19.59
C SER C 84 27.63 2.26 20.91
N SER C 85 28.51 3.24 20.84
CA SER C 85 29.07 3.91 22.02
C SER C 85 27.98 4.29 23.02
N LEU C 86 27.76 3.37 23.97
CA LEU C 86 26.69 3.48 24.93
C LEU C 86 26.92 4.63 25.90
N THR C 87 25.85 5.36 26.21
CA THR C 87 25.88 6.38 27.26
C THR C 87 24.74 6.12 28.24
N SER C 88 24.70 6.87 29.34
CA SER C 88 23.68 6.74 30.37
C SER C 88 22.27 6.84 29.80
N GLU C 89 22.16 7.42 28.61
CA GLU C 89 20.87 7.59 27.95
C GLU C 89 20.29 6.29 27.37
N ASP C 90 21.16 5.32 27.09
CA ASP C 90 20.72 4.10 26.43
C ASP C 90 20.12 3.07 27.37
N SER C 91 20.26 3.29 28.67
CA SER C 91 19.73 2.34 29.64
C SER C 91 18.21 2.35 29.59
N ALA C 92 17.66 1.23 29.14
CA ALA C 92 16.24 1.07 28.91
C ALA C 92 15.91 -0.42 28.79
N VAL C 93 14.63 -0.72 28.56
CA VAL C 93 14.24 -2.06 28.16
C VAL C 93 14.12 -2.06 26.64
N TYR C 94 14.69 -3.07 26.00
CA TYR C 94 14.61 -3.16 24.55
C TYR C 94 13.77 -4.34 24.09
N TYR C 95 12.89 -4.07 23.13
CA TYR C 95 12.01 -5.08 22.56
C TYR C 95 12.37 -5.43 21.13
N CYS C 96 12.03 -6.65 20.73
CA CYS C 96 12.04 -7.02 19.32
C CYS C 96 10.69 -7.63 18.97
N ALA C 97 10.07 -7.09 17.93
CA ALA C 97 8.71 -7.49 17.55
C ALA C 97 8.59 -7.79 16.06
N ARG C 98 7.68 -8.69 15.74
CA ARG C 98 7.47 -9.16 14.38
C ARG C 98 6.37 -8.35 13.68
N SER C 99 6.52 -8.20 12.36
CA SER C 99 5.54 -7.49 11.54
C SER C 99 5.41 -8.09 10.14
N PRO C 100 4.18 -8.16 9.61
CA PRO C 100 3.93 -8.45 8.19
C PRO C 100 4.67 -7.52 7.25
N TYR C 101 4.92 -7.99 6.04
CA TYR C 101 5.72 -7.26 5.05
C TYR C 101 5.25 -5.82 4.80
N TYR C 102 4.01 -5.68 4.31
CA TYR C 102 3.46 -4.39 3.88
C TYR C 102 3.20 -3.40 5.01
N TYR C 103 2.77 -3.91 6.16
CA TYR C 103 2.13 -3.08 7.18
C TYR C 103 2.91 -2.99 8.49
N GLY C 104 2.85 -1.83 9.13
CA GLY C 104 3.49 -1.63 10.42
C GLY C 104 2.63 -2.05 11.61
N ASN C 105 2.23 -3.32 11.63
CA ASN C 105 1.49 -3.89 12.75
C ASN C 105 2.35 -4.92 13.46
N TRP C 106 2.60 -4.73 14.75
CA TRP C 106 3.46 -5.68 15.47
C TRP C 106 2.70 -6.73 16.26
N ASP C 107 2.38 -7.81 15.55
CA ASP C 107 1.49 -8.84 16.07
C ASP C 107 2.13 -9.78 17.09
N TYR C 108 3.46 -9.84 17.13
CA TYR C 108 4.14 -10.65 18.15
C TYR C 108 5.39 -9.99 18.70
N TRP C 109 5.42 -9.86 20.02
CA TRP C 109 6.49 -9.18 20.73
C TRP C 109 7.37 -10.14 21.53
N GLY C 110 8.67 -9.85 21.55
CA GLY C 110 9.61 -10.53 22.44
C GLY C 110 9.23 -10.30 23.89
N GLN C 111 10.10 -10.66 24.82
CA GLN C 111 9.79 -10.53 26.25
C GLN C 111 10.43 -9.27 26.84
N GLY C 112 11.52 -8.81 26.23
CA GLY C 112 12.18 -7.60 26.64
C GLY C 112 13.53 -7.81 27.31
N THR C 113 14.58 -7.36 26.64
CA THR C 113 15.92 -7.33 27.23
C THR C 113 16.13 -6.00 27.94
N THR C 114 16.77 -6.06 29.11
CA THR C 114 17.05 -4.87 29.90
C THR C 114 18.52 -4.50 29.80
N LEU C 115 18.79 -3.27 29.37
CA LEU C 115 20.16 -2.76 29.31
C LEU C 115 20.42 -1.72 30.39
N THR C 116 21.57 -1.83 31.06
CA THR C 116 21.97 -0.90 32.13
C THR C 116 23.35 -0.30 31.85
N VAL C 117 23.38 0.93 31.37
CA VAL C 117 24.65 1.62 31.21
C VAL C 117 25.00 2.36 32.51
N SER C 118 25.91 1.77 33.27
CA SER C 118 26.40 2.37 34.51
C SER C 118 27.93 2.31 34.58
N SER C 119 28.51 3.32 35.22
CA SER C 119 29.96 3.43 35.34
C SER C 119 30.42 2.98 36.72
N ALA C 120 29.46 2.49 37.51
CA ALA C 120 29.67 2.14 38.91
C ALA C 120 30.23 0.74 39.09
N LYS C 121 31.01 0.56 40.15
CA LYS C 121 31.48 -0.75 40.59
C LYS C 121 30.43 -1.36 41.53
N THR C 122 30.37 -2.70 41.57
CA THR C 122 29.50 -3.43 42.49
C THR C 122 29.74 -3.02 43.94
N THR C 123 28.67 -2.69 44.65
CA THR C 123 28.76 -2.29 46.06
C THR C 123 27.60 -2.88 46.85
N PRO C 124 27.88 -3.29 48.10
CA PRO C 124 26.85 -3.87 48.97
C PRO C 124 26.11 -2.79 49.78
N PRO C 125 24.79 -2.99 50.01
CA PRO C 125 23.94 -2.00 50.67
C PRO C 125 24.38 -1.69 52.09
N SER C 126 24.18 -0.45 52.51
CA SER C 126 24.29 -0.08 53.90
C SER C 126 22.88 -0.09 54.47
N VAL C 127 22.68 -0.81 55.58
CA VAL C 127 21.35 -0.90 56.18
C VAL C 127 21.26 -0.09 57.47
N TYR C 128 20.21 0.72 57.58
CA TYR C 128 20.00 1.56 58.75
C TYR C 128 18.55 1.45 59.22
N PRO C 129 18.33 1.41 60.54
CA PRO C 129 16.98 1.22 61.06
C PRO C 129 16.23 2.53 61.05
N LEU C 130 14.91 2.46 61.06
CA LEU C 130 14.11 3.68 61.14
C LEU C 130 13.01 3.56 62.20
N ALA C 131 13.32 4.07 63.39
CA ALA C 131 12.36 4.18 64.48
C ALA C 131 11.96 5.64 64.62
N PRO C 132 10.73 5.93 65.09
CA PRO C 132 10.27 7.31 65.30
C PRO C 132 11.19 8.14 66.19
N GLY C 133 11.10 9.47 66.07
CA GLY C 133 11.91 10.38 66.89
C GLY C 133 11.64 10.14 68.36
N SER C 134 12.68 10.22 69.19
CA SER C 134 12.58 9.87 70.62
C SER C 134 11.24 10.28 71.26
N ALA C 135 10.84 11.54 71.08
CA ALA C 135 9.54 12.02 71.51
C ALA C 135 8.59 12.19 70.31
N ALA C 136 7.67 11.22 70.16
CA ALA C 136 6.63 11.25 69.11
C ALA C 136 5.35 10.62 69.65
N GLN C 137 4.20 11.17 69.24
CA GLN C 137 2.90 10.73 69.78
C GLN C 137 2.44 9.39 69.21
N THR C 138 2.33 8.41 70.10
CA THR C 138 1.98 7.05 69.70
C THR C 138 0.48 6.95 69.46
N ASN C 139 0.13 6.54 68.24
CA ASN C 139 -1.26 6.29 67.85
C ASN C 139 -1.60 4.83 68.17
N SER C 140 -2.69 4.32 67.59
CA SER C 140 -3.05 2.92 67.78
C SER C 140 -2.00 2.00 67.15
N MET C 141 -1.45 2.43 66.03
CA MET C 141 -0.43 1.66 65.32
C MET C 141 0.88 2.44 65.17
N VAL C 142 1.94 1.73 64.82
CA VAL C 142 3.22 2.37 64.54
C VAL C 142 3.87 1.82 63.26
N THR C 143 4.40 2.73 62.45
CA THR C 143 5.18 2.32 61.28
C THR C 143 6.67 2.41 61.60
N LEU C 144 7.41 1.44 61.08
CA LEU C 144 8.84 1.29 61.29
C LEU C 144 9.49 1.09 59.94
N GLY C 145 10.77 1.40 59.85
CA GLY C 145 11.43 1.37 58.56
C GLY C 145 12.79 0.72 58.54
N CYS C 146 13.33 0.59 57.33
CA CYS C 146 14.58 -0.09 57.09
C CYS C 146 15.18 0.54 55.83
N LEU C 147 16.31 1.25 55.98
CA LEU C 147 16.90 2.02 54.87
C LEU C 147 18.10 1.36 54.23
N VAL C 148 17.97 1.11 52.92
CA VAL C 148 18.97 0.45 52.10
C VAL C 148 19.64 1.51 51.22
N LYS C 149 20.77 2.04 51.70
CA LYS C 149 21.43 3.15 51.02
C LYS C 149 22.73 2.75 50.33
N GLY C 150 22.88 3.19 49.08
CA GLY C 150 24.14 3.14 48.35
C GLY C 150 24.64 1.77 47.96
N TYR C 151 23.87 1.07 47.12
CA TYR C 151 24.24 -0.26 46.64
C TYR C 151 24.16 -0.36 45.11
N PHE C 152 24.97 -1.26 44.57
CA PHE C 152 24.97 -1.51 43.13
C PHE C 152 25.44 -2.95 42.87
N PRO C 153 24.82 -3.62 41.88
CA PRO C 153 23.66 -3.17 41.11
C PRO C 153 22.32 -3.67 41.64
N GLU C 154 21.27 -3.46 40.86
CA GLU C 154 19.97 -4.07 41.11
C GLU C 154 20.12 -5.59 41.20
N PRO C 155 19.26 -6.27 41.98
CA PRO C 155 18.29 -5.74 42.92
C PRO C 155 18.70 -6.03 44.36
N VAL C 156 17.78 -5.80 45.29
CA VAL C 156 17.84 -6.36 46.63
C VAL C 156 16.48 -6.99 46.95
N THR C 157 16.50 -8.04 47.76
CA THR C 157 15.28 -8.58 48.34
C THR C 157 15.20 -8.02 49.75
N VAL C 158 14.06 -7.42 50.08
CA VAL C 158 13.80 -6.98 51.45
C VAL C 158 12.49 -7.57 51.94
N THR C 159 12.60 -8.49 52.89
CA THR C 159 11.46 -9.01 53.62
C THR C 159 11.60 -8.47 55.03
N TRP C 160 10.80 -8.97 55.95
CA TRP C 160 10.93 -8.52 57.33
C TRP C 160 11.41 -9.64 58.24
N ASN C 161 10.61 -10.00 59.24
CA ASN C 161 11.04 -10.99 60.24
C ASN C 161 11.41 -12.33 59.61
N SER C 162 12.59 -12.35 59.00
CA SER C 162 13.03 -13.41 58.05
C SER C 162 11.96 -13.76 56.99
N GLY C 163 10.78 -13.17 57.12
CA GLY C 163 9.66 -13.43 56.23
C GLY C 163 8.32 -13.43 56.96
N SER C 164 8.36 -13.66 58.27
CA SER C 164 7.16 -13.76 59.11
C SER C 164 6.15 -12.64 58.84
N LEU C 165 6.60 -11.39 58.97
CA LEU C 165 5.75 -10.24 58.68
C LEU C 165 5.58 -10.02 57.18
N SER C 166 4.32 -10.03 56.73
CA SER C 166 4.01 -10.08 55.31
C SER C 166 3.07 -8.96 54.86
N SER C 167 2.00 -8.75 55.62
CA SER C 167 1.00 -7.75 55.26
C SER C 167 1.26 -6.43 55.99
N GLY C 168 0.80 -5.34 55.38
CA GLY C 168 1.07 -4.00 55.87
C GLY C 168 2.49 -3.55 55.59
N VAL C 169 3.19 -4.26 54.69
CA VAL C 169 4.54 -3.89 54.28
C VAL C 169 4.53 -3.16 52.94
N HIS C 170 5.46 -2.22 52.78
CA HIS C 170 5.65 -1.48 51.54
C HIS C 170 7.15 -1.32 51.33
N THR C 171 7.65 -1.83 50.20
CA THR C 171 9.05 -1.70 49.83
C THR C 171 9.12 -0.91 48.52
N PHE C 172 9.61 0.32 48.64
CA PHE C 172 9.55 1.30 47.55
C PHE C 172 10.53 1.06 46.41
N PRO C 173 10.17 1.46 45.18
CA PRO C 173 11.04 1.29 44.02
C PRO C 173 12.38 2.01 44.19
N ALA C 174 13.46 1.33 43.83
CA ALA C 174 14.81 1.87 43.96
C ALA C 174 15.01 3.18 43.20
N VAL C 175 15.96 3.97 43.69
CA VAL C 175 16.22 5.30 43.17
C VAL C 175 17.75 5.49 43.12
N LEU C 176 18.26 5.92 41.97
CA LEU C 176 19.67 6.25 41.84
C LEU C 176 19.97 7.54 42.55
N GLN C 177 21.05 7.54 43.32
CA GLN C 177 21.48 8.73 44.03
C GLN C 177 22.74 9.31 43.38
N SER C 178 23.90 8.73 43.66
CA SER C 178 25.16 9.26 43.13
C SER C 178 25.58 8.48 41.88
N ASP C 179 25.54 7.17 42.03
CA ASP C 179 25.73 6.24 40.91
C ASP C 179 25.10 4.95 41.38
N LEU C 180 24.85 4.86 42.68
CA LEU C 180 24.32 3.67 43.32
C LEU C 180 22.88 3.88 43.76
N TYR C 181 22.17 2.77 43.98
CA TYR C 181 20.74 2.77 44.28
C TYR C 181 20.41 2.96 45.77
N THR C 182 19.25 3.53 46.05
CA THR C 182 18.72 3.65 47.41
C THR C 182 17.30 3.11 47.50
N LEU C 183 16.98 2.49 48.63
CA LEU C 183 15.71 1.78 48.82
C LEU C 183 15.29 1.84 50.28
N SER C 184 13.99 1.71 50.53
CA SER C 184 13.49 1.62 51.90
C SER C 184 12.20 0.83 52.02
N SER C 185 11.99 0.24 53.20
CA SER C 185 10.82 -0.60 53.52
C SER C 185 10.09 -0.11 54.75
N SER C 186 8.77 -0.26 54.75
CA SER C 186 7.94 0.17 55.87
C SER C 186 6.95 -0.89 56.34
N VAL C 187 7.07 -1.29 57.61
CA VAL C 187 6.13 -2.24 58.19
C VAL C 187 5.26 -1.55 59.24
N THR C 188 3.95 -1.79 59.18
CA THR C 188 2.99 -1.25 60.16
C THR C 188 2.55 -2.34 61.12
N VAL C 189 2.93 -2.17 62.39
CA VAL C 189 2.52 -3.06 63.45
C VAL C 189 1.72 -2.24 64.45
N PRO C 190 0.83 -2.88 65.22
CA PRO C 190 0.18 -2.18 66.34
C PRO C 190 1.21 -1.61 67.31
N SER C 191 0.84 -0.57 68.04
CA SER C 191 1.76 0.10 68.96
C SER C 191 2.17 -0.78 70.14
N SER C 192 1.29 -1.71 70.52
CA SER C 192 1.58 -2.70 71.55
C SER C 192 2.72 -3.62 71.11
N THR C 193 2.59 -4.12 69.88
CA THR C 193 3.56 -5.02 69.24
C THR C 193 5.00 -4.56 69.35
N TRP C 194 5.28 -3.38 68.80
CA TRP C 194 6.66 -2.93 68.50
C TRP C 194 7.58 -2.84 69.73
N PRO C 195 7.23 -2.04 70.74
CA PRO C 195 8.09 -2.11 71.92
C PRO C 195 8.47 -3.56 72.25
N SER C 196 7.48 -4.44 72.41
CA SER C 196 7.68 -5.82 72.87
C SER C 196 8.23 -6.85 71.84
N GLU C 197 7.44 -7.19 70.80
CA GLU C 197 7.86 -8.19 69.80
C GLU C 197 8.95 -7.68 68.87
N THR C 198 10.04 -8.42 68.77
CA THR C 198 11.21 -8.00 67.97
C THR C 198 10.89 -7.85 66.48
N VAL C 199 11.14 -6.66 65.96
CA VAL C 199 11.01 -6.40 64.53
C VAL C 199 12.39 -6.28 63.90
N THR C 200 12.56 -6.94 62.76
CA THR C 200 13.83 -6.99 62.03
C THR C 200 13.52 -7.12 60.54
N CYS C 201 14.11 -6.26 59.72
CA CYS C 201 14.00 -6.39 58.27
C CYS C 201 15.16 -7.25 57.78
N ASN C 202 14.93 -8.02 56.72
CA ASN C 202 15.98 -8.81 56.11
C ASN C 202 16.32 -8.36 54.69
N VAL C 203 17.36 -7.55 54.59
CA VAL C 203 17.83 -7.00 53.32
C VAL C 203 18.83 -7.97 52.70
N ALA C 204 18.63 -8.29 51.42
CA ALA C 204 19.47 -9.26 50.74
C ALA C 204 19.94 -8.74 49.40
N HIS C 205 21.26 -8.57 49.26
CA HIS C 205 21.88 -8.20 48.00
C HIS C 205 22.63 -9.37 47.40
N PRO C 206 21.98 -10.16 46.52
CA PRO C 206 22.60 -11.36 45.97
C PRO C 206 23.87 -11.06 45.17
N ALA C 207 23.89 -9.89 44.52
CA ALA C 207 25.01 -9.50 43.65
C ALA C 207 26.35 -9.28 44.36
N SER C 208 26.33 -9.28 45.69
CA SER C 208 27.55 -9.20 46.49
C SER C 208 27.33 -9.86 47.85
N SER C 209 26.84 -11.12 47.80
CA SER C 209 26.45 -11.88 49.01
C SER C 209 26.34 -11.05 50.30
N THR C 210 25.21 -10.34 50.41
CA THR C 210 24.93 -9.51 51.57
C THR C 210 23.58 -9.96 52.12
N LYS C 211 23.62 -10.91 53.04
CA LYS C 211 22.41 -11.31 53.76
C LYS C 211 22.46 -10.70 55.17
N VAL C 212 22.42 -9.38 55.20
CA VAL C 212 22.52 -8.61 56.44
C VAL C 212 21.14 -8.09 56.83
N ASP C 213 20.68 -8.49 58.01
CA ASP C 213 19.46 -7.96 58.59
C ASP C 213 19.78 -7.04 59.75
N LYS C 214 18.94 -6.03 59.95
CA LYS C 214 19.13 -5.10 61.05
C LYS C 214 17.88 -5.03 61.91
N LYS C 215 18.11 -5.18 63.21
CA LYS C 215 17.04 -5.11 64.18
C LYS C 215 16.76 -3.64 64.51
N ILE C 216 15.50 -3.24 64.33
CA ILE C 216 15.05 -1.92 64.73
C ILE C 216 15.00 -1.87 66.26
N VAL C 217 15.53 -0.79 66.84
CA VAL C 217 15.42 -0.52 68.28
C VAL C 217 14.86 0.90 68.52
N PRO C 218 14.17 1.12 69.66
CA PRO C 218 13.73 2.47 69.98
C PRO C 218 14.89 3.42 70.28
N ARG C 219 14.63 4.72 70.20
CA ARG C 219 15.64 5.77 70.36
C ARG C 219 15.90 6.11 71.83
N ASP C 220 17.18 6.39 72.15
CA ASP C 220 17.58 6.75 73.51
C ASP C 220 16.71 7.84 74.12
N ASP D 1 7.41 15.95 13.10
CA ASP D 1 6.94 14.87 12.19
C ASP D 1 5.62 14.28 12.71
N ILE D 2 5.26 13.09 12.21
CA ILE D 2 4.00 12.37 12.58
C ILE D 2 4.05 11.82 14.02
N GLN D 3 3.12 12.27 14.87
CA GLN D 3 3.27 12.02 16.32
C GLN D 3 1.99 11.96 17.16
N MET D 4 2.06 11.12 18.20
CA MET D 4 0.89 10.54 18.86
C MET D 4 0.61 11.10 20.25
N THR D 5 -0.68 11.30 20.56
CA THR D 5 -1.09 11.85 21.86
C THR D 5 -2.19 11.01 22.51
N GLN D 6 -1.94 10.56 23.73
CA GLN D 6 -2.97 9.96 24.57
C GLN D 6 -3.10 10.87 25.76
N THR D 7 -4.18 11.64 25.80
CA THR D 7 -4.27 12.79 26.70
C THR D 7 -4.41 12.38 28.17
N THR D 8 -4.77 11.13 28.41
CA THR D 8 -4.87 10.61 29.78
C THR D 8 -3.76 9.61 30.06
N SER D 9 -2.85 9.99 30.96
CA SER D 9 -1.81 9.06 31.39
C SER D 9 -2.40 7.95 32.27
N SER D 10 -3.18 8.35 33.28
CA SER D 10 -3.83 7.39 34.17
C SER D 10 -5.34 7.41 33.94
N LEU D 11 -6.00 6.29 34.26
CA LEU D 11 -7.43 6.16 34.01
C LEU D 11 -8.04 5.21 35.03
N SER D 12 -9.19 5.60 35.58
CA SER D 12 -9.80 4.87 36.68
C SER D 12 -11.25 4.47 36.43
N ALA D 13 -11.48 3.17 36.30
CA ALA D 13 -12.82 2.60 36.25
C ALA D 13 -12.75 1.24 36.93
N SER D 14 -13.71 0.96 37.82
CA SER D 14 -13.71 -0.28 38.60
C SER D 14 -14.04 -1.50 37.75
N LEU D 15 -13.76 -2.69 38.29
CA LEU D 15 -13.88 -3.93 37.53
C LEU D 15 -15.25 -4.08 36.87
N GLY D 16 -15.25 -4.61 35.67
CA GLY D 16 -16.49 -4.87 34.93
C GLY D 16 -17.16 -3.64 34.37
N ASP D 17 -16.41 -2.53 34.31
CA ASP D 17 -16.92 -1.29 33.72
C ASP D 17 -16.65 -1.19 32.23
N ARG D 18 -17.16 -0.11 31.64
CA ARG D 18 -16.82 0.25 30.28
C ARG D 18 -15.71 1.29 30.33
N VAL D 19 -14.54 0.90 29.83
CA VAL D 19 -13.33 1.71 29.86
C VAL D 19 -13.00 2.17 28.45
N THR D 20 -12.60 3.42 28.31
CA THR D 20 -12.33 4.01 27.00
C THR D 20 -11.06 4.85 27.00
N ILE D 21 -10.09 4.42 26.20
CA ILE D 21 -8.80 5.09 26.10
C ILE D 21 -8.71 5.84 24.76
N SER D 22 -8.33 7.10 24.82
CA SER D 22 -8.22 7.91 23.61
C SER D 22 -6.82 7.94 23.03
N CYS D 23 -6.75 8.33 21.77
CA CYS D 23 -5.51 8.52 21.05
C CYS D 23 -5.79 9.62 20.03
N ARG D 24 -4.78 10.42 19.73
CA ARG D 24 -4.90 11.47 18.72
C ARG D 24 -3.58 11.65 17.99
N ALA D 25 -3.64 11.69 16.67
CA ALA D 25 -2.46 11.92 15.84
C ALA D 25 -2.31 13.39 15.43
N SER D 26 -1.07 13.81 15.19
CA SER D 26 -0.79 15.19 14.79
C SER D 26 -1.17 15.45 13.34
N GLN D 27 -1.27 14.38 12.57
CA GLN D 27 -1.73 14.47 11.19
C GLN D 27 -2.80 13.44 10.97
N ASP D 28 -3.41 13.49 9.79
CA ASP D 28 -4.43 12.52 9.44
C ASP D 28 -3.78 11.19 9.12
N ILE D 29 -3.83 10.26 10.07
CA ILE D 29 -3.65 8.86 9.75
C ILE D 29 -4.88 8.52 8.94
N SER D 30 -4.71 7.85 7.82
CA SER D 30 -5.86 7.29 7.16
C SER D 30 -6.09 5.96 7.85
N ASN D 31 -6.90 6.00 8.91
CA ASN D 31 -7.31 4.79 9.65
C ASN D 31 -6.28 3.79 10.21
N TYR D 32 -5.06 3.74 9.66
CA TYR D 32 -4.05 2.75 10.10
C TYR D 32 -3.49 3.00 11.50
N LEU D 33 -4.27 2.69 12.52
CA LEU D 33 -3.83 2.89 13.90
C LEU D 33 -4.02 1.64 14.75
N ASN D 34 -2.99 1.26 15.49
CA ASN D 34 -3.00 0.04 16.29
C ASN D 34 -3.09 0.32 17.79
N TRP D 35 -3.41 -0.72 18.56
CA TRP D 35 -3.44 -0.64 20.02
C TRP D 35 -2.66 -1.79 20.64
N TYR D 36 -1.97 -1.49 21.74
CA TYR D 36 -1.07 -2.48 22.36
C TYR D 36 -1.28 -2.57 23.85
N GLN D 37 -1.14 -3.77 24.39
CA GLN D 37 -1.25 -3.98 25.83
C GLN D 37 0.09 -4.40 26.42
N GLN D 38 0.46 -3.77 27.53
CA GLN D 38 1.68 -4.08 28.23
C GLN D 38 1.35 -4.33 29.68
N LYS D 39 1.32 -5.61 30.06
CA LYS D 39 1.06 -5.99 31.44
C LYS D 39 2.22 -5.53 32.34
N PRO D 40 1.96 -5.26 33.63
CA PRO D 40 3.01 -4.72 34.51
C PRO D 40 4.16 -5.68 34.77
N ASP D 41 4.01 -6.92 34.30
CA ASP D 41 5.09 -7.91 34.36
C ASP D 41 6.03 -7.81 33.15
N GLY D 42 5.75 -6.87 32.25
CA GLY D 42 6.61 -6.63 31.10
C GLY D 42 6.06 -7.07 29.76
N THR D 43 5.30 -8.17 29.74
CA THR D 43 4.77 -8.76 28.48
C THR D 43 4.03 -7.73 27.63
N VAL D 44 4.11 -7.89 26.31
CA VAL D 44 3.43 -7.00 25.37
C VAL D 44 2.68 -7.80 24.30
N LYS D 45 1.39 -7.48 24.12
CA LYS D 45 0.58 -8.13 23.10
C LYS D 45 -0.15 -7.08 22.28
N LEU D 46 -0.31 -7.35 20.98
CA LEU D 46 -1.13 -6.49 20.12
C LEU D 46 -2.59 -6.83 20.39
N LEU D 47 -3.43 -5.81 20.49
CA LEU D 47 -4.84 -6.02 20.73
C LEU D 47 -5.63 -5.82 19.45
N ILE D 48 -5.64 -4.58 18.96
CA ILE D 48 -6.33 -4.24 17.73
C ILE D 48 -5.36 -3.62 16.75
N TYR D 49 -5.57 -3.86 15.46
CA TYR D 49 -4.62 -3.39 14.48
C TYR D 49 -5.12 -2.36 13.46
N TYR D 50 -6.26 -2.61 12.84
CA TYR D 50 -6.73 -1.65 11.86
C TYR D 50 -7.76 -0.74 12.48
N THR D 51 -7.50 0.56 12.44
CA THR D 51 -8.44 1.59 12.94
C THR D 51 -9.18 1.16 14.19
N SER D 52 -8.48 0.40 15.03
CA SER D 52 -9.05 -0.19 16.23
C SER D 52 -10.29 -1.09 15.97
N ARG D 53 -10.46 -1.53 14.72
CA ARG D 53 -11.54 -2.45 14.36
C ARG D 53 -11.11 -3.90 14.55
N LEU D 54 -10.02 -4.30 13.89
CA LEU D 54 -9.68 -5.72 13.71
C LEU D 54 -8.80 -6.32 14.80
N HIS D 55 -9.33 -7.28 15.56
CA HIS D 55 -8.57 -7.96 16.60
C HIS D 55 -7.78 -9.11 16.03
N SER D 56 -6.64 -9.43 16.66
CA SER D 56 -5.85 -10.60 16.24
C SER D 56 -5.79 -11.67 17.34
N GLY D 57 -6.73 -12.62 17.29
CA GLY D 57 -6.87 -13.68 18.30
C GLY D 57 -7.04 -13.18 19.73
N VAL D 58 -7.88 -12.16 19.93
CA VAL D 58 -8.01 -11.48 21.22
C VAL D 58 -9.48 -11.43 21.66
N PRO D 59 -9.75 -11.54 22.99
CA PRO D 59 -11.10 -11.38 23.58
C PRO D 59 -11.99 -10.31 22.92
N SER D 60 -13.30 -10.60 22.91
CA SER D 60 -14.30 -9.76 22.24
C SER D 60 -14.49 -8.40 22.89
N ARG D 61 -14.39 -8.37 24.22
CA ARG D 61 -14.58 -7.15 25.01
C ARG D 61 -13.78 -5.95 24.50
N PHE D 62 -12.72 -6.22 23.75
CA PHE D 62 -11.92 -5.18 23.13
C PHE D 62 -12.50 -4.78 21.77
N SER D 63 -12.57 -3.47 21.54
CA SER D 63 -13.11 -2.90 20.31
C SER D 63 -12.51 -1.52 20.14
N GLY D 64 -12.70 -0.91 18.97
CA GLY D 64 -12.25 0.45 18.76
C GLY D 64 -12.84 1.12 17.53
N SER D 65 -12.61 2.42 17.42
CA SER D 65 -13.20 3.20 16.34
C SER D 65 -12.49 4.53 16.11
N GLY D 66 -13.26 5.52 15.66
CA GLY D 66 -12.71 6.82 15.27
C GLY D 66 -12.13 6.77 13.89
N SER D 67 -11.94 7.94 13.27
CA SER D 67 -11.26 8.07 11.98
C SER D 67 -10.59 9.42 11.86
N GLY D 68 -9.61 9.51 10.96
CA GLY D 68 -8.94 10.77 10.69
C GLY D 68 -7.77 11.07 11.61
N THR D 69 -8.08 11.47 12.84
CA THR D 69 -7.07 11.94 13.79
C THR D 69 -7.25 11.39 15.20
N ASP D 70 -8.50 11.22 15.61
CA ASP D 70 -8.81 10.70 16.94
C ASP D 70 -9.33 9.27 16.82
N TYR D 71 -8.83 8.42 17.71
CA TYR D 71 -9.22 7.00 17.74
C TYR D 71 -9.34 6.57 19.18
N SER D 72 -9.95 5.43 19.41
CA SER D 72 -10.26 4.99 20.76
C SER D 72 -10.37 3.49 20.86
N LEU D 73 -9.80 2.94 21.92
CA LEU D 73 -9.95 1.54 22.26
C LEU D 73 -10.94 1.46 23.41
N THR D 74 -11.83 0.47 23.34
CA THR D 74 -12.86 0.31 24.35
C THR D 74 -12.89 -1.11 24.88
N ILE D 75 -12.76 -1.24 26.19
CA ILE D 75 -12.97 -2.51 26.87
C ILE D 75 -14.40 -2.46 27.43
N SER D 76 -15.23 -3.41 27.00
CA SER D 76 -16.63 -3.44 27.43
C SER D 76 -16.78 -3.93 28.86
N ASN D 77 -16.17 -5.08 29.14
CA ASN D 77 -16.20 -5.69 30.47
C ASN D 77 -14.78 -5.89 31.00
N LEU D 78 -14.35 -5.00 31.90
CA LEU D 78 -12.99 -5.03 32.42
C LEU D 78 -12.76 -6.22 33.34
N GLU D 79 -11.52 -6.72 33.37
CA GLU D 79 -11.09 -7.74 34.34
C GLU D 79 -9.71 -7.44 34.93
N GLN D 80 -9.30 -8.22 35.92
CA GLN D 80 -8.02 -8.01 36.58
C GLN D 80 -6.82 -8.44 35.72
N GLU D 81 -7.10 -9.11 34.61
CA GLU D 81 -6.07 -9.41 33.60
C GLU D 81 -6.01 -8.28 32.57
N ASP D 82 -6.85 -7.27 32.75
CA ASP D 82 -6.86 -6.10 31.90
C ASP D 82 -6.04 -4.97 32.51
N ILE D 83 -5.93 -4.97 33.84
CA ILE D 83 -5.17 -3.93 34.56
C ILE D 83 -3.74 -3.82 34.01
N ALA D 84 -3.55 -2.84 33.12
CA ALA D 84 -2.27 -2.65 32.39
C ALA D 84 -2.19 -1.31 31.67
N THR D 85 -1.04 -1.03 31.05
CA THR D 85 -0.86 0.17 30.24
C THR D 85 -1.25 -0.09 28.78
N TYR D 86 -1.80 0.93 28.13
CA TYR D 86 -2.28 0.79 26.76
C TYR D 86 -1.68 1.83 25.80
N PHE D 87 -1.09 1.33 24.72
CA PHE D 87 -0.38 2.16 23.75
C PHE D 87 -1.08 2.18 22.41
N CYS D 88 -1.09 3.35 21.77
CA CYS D 88 -1.53 3.45 20.39
C CYS D 88 -0.36 3.78 19.51
N GLN D 89 -0.44 3.31 18.27
CA GLN D 89 0.63 3.44 17.30
C GLN D 89 0.01 3.65 15.94
N GLN D 90 0.46 4.68 15.22
CA GLN D 90 0.04 4.83 13.85
C GLN D 90 0.87 3.88 12.98
N GLY D 91 0.19 3.24 12.04
CA GLY D 91 0.84 2.36 11.09
C GLY D 91 0.79 2.98 9.72
N ASN D 92 0.65 4.31 9.69
CA ASN D 92 0.45 5.03 8.46
C ASN D 92 1.73 5.16 7.65
N THR D 93 2.86 5.35 8.31
CA THR D 93 4.16 5.57 7.64
C THR D 93 5.34 5.51 8.61
N LEU D 94 6.54 5.32 8.06
CA LEU D 94 7.79 5.54 8.82
C LEU D 94 8.00 7.02 9.16
N PRO D 95 8.56 7.30 10.34
CA PRO D 95 8.86 6.31 11.37
C PRO D 95 7.60 5.93 12.17
N TRP D 96 7.47 4.65 12.51
CA TRP D 96 6.34 4.22 13.32
C TRP D 96 6.48 4.86 14.68
N THR D 97 5.36 5.35 15.22
CA THR D 97 5.39 6.12 16.46
C THR D 97 4.27 5.73 17.44
N PHE D 98 4.58 5.74 18.73
CA PHE D 98 3.61 5.33 19.76
C PHE D 98 3.19 6.49 20.67
N GLY D 99 2.03 6.36 21.30
CA GLY D 99 1.58 7.32 22.30
C GLY D 99 2.25 7.03 23.63
N GLY D 100 2.12 7.96 24.58
CA GLY D 100 2.71 7.79 25.91
C GLY D 100 2.09 6.70 26.77
N GLY D 101 0.91 6.22 26.36
CA GLY D 101 0.21 5.14 27.07
C GLY D 101 -0.79 5.57 28.14
N THR D 102 -1.62 4.62 28.57
CA THR D 102 -2.57 4.89 29.66
C THR D 102 -2.61 3.75 30.70
N LYS D 103 -2.07 4.00 31.90
CA LYS D 103 -2.04 2.97 32.94
C LYS D 103 -3.35 2.92 33.73
N LEU D 104 -4.05 1.81 33.60
CA LEU D 104 -5.34 1.60 34.27
C LEU D 104 -5.22 1.45 35.79
N GLU D 105 -6.17 2.05 36.49
CA GLU D 105 -6.21 2.08 37.94
C GLU D 105 -7.58 1.61 38.43
N ILE D 106 -7.59 0.88 39.54
CA ILE D 106 -8.85 0.52 40.21
C ILE D 106 -9.43 1.73 40.93
N LYS D 107 -10.66 2.08 40.57
CA LYS D 107 -11.43 3.10 41.27
C LYS D 107 -11.66 2.67 42.72
N ARG D 108 -11.63 3.62 43.65
CA ARG D 108 -11.62 3.29 45.08
C ARG D 108 -11.99 4.46 45.99
N ALA D 109 -12.58 4.14 47.14
CA ALA D 109 -12.86 5.13 48.18
C ALA D 109 -11.56 5.79 48.62
N ASP D 110 -11.56 7.13 48.63
CA ASP D 110 -10.37 7.92 48.95
C ASP D 110 -9.73 7.57 50.31
N ALA D 111 -8.49 8.04 50.51
CA ALA D 111 -7.80 7.81 51.78
C ALA D 111 -6.65 8.79 51.99
N ALA D 112 -6.49 9.21 53.24
CA ALA D 112 -5.36 10.03 53.66
C ALA D 112 -4.17 9.14 53.99
N PRO D 113 -2.96 9.63 53.71
CA PRO D 113 -1.74 8.83 53.91
C PRO D 113 -1.39 8.73 55.39
N THR D 114 -0.78 7.62 55.79
CA THR D 114 -0.20 7.51 57.12
C THR D 114 1.22 8.11 57.05
N VAL D 115 1.31 9.41 57.31
CA VAL D 115 2.58 10.14 57.27
C VAL D 115 3.44 9.76 58.47
N SER D 116 4.73 9.53 58.23
CA SER D 116 5.67 9.15 59.28
C SER D 116 7.03 9.78 58.99
N ILE D 117 7.65 10.36 60.00
CA ILE D 117 8.97 10.95 59.83
C ILE D 117 10.02 10.20 60.66
N PHE D 118 11.19 9.98 60.06
CA PHE D 118 12.26 9.21 60.67
C PHE D 118 13.62 9.92 60.67
N PRO D 119 14.18 10.19 61.86
CA PRO D 119 15.48 10.85 62.00
C PRO D 119 16.60 9.89 61.60
N PRO D 120 17.78 10.43 61.25
CA PRO D 120 18.91 9.57 60.83
C PRO D 120 19.36 8.63 61.94
N SER D 121 19.67 7.39 61.58
CA SER D 121 20.20 6.44 62.54
C SER D 121 21.59 6.86 62.98
N SER D 122 21.87 6.72 64.28
CA SER D 122 23.18 7.08 64.83
C SER D 122 24.28 6.34 64.10
N GLU D 123 23.99 5.09 63.73
CA GLU D 123 24.88 4.26 62.93
C GLU D 123 25.33 4.99 61.67
N GLN D 124 24.37 5.56 60.93
CA GLN D 124 24.65 6.35 59.73
C GLN D 124 25.37 7.64 60.08
N LEU D 125 24.94 8.28 61.15
CA LEU D 125 25.54 9.54 61.55
C LEU D 125 27.06 9.45 61.72
N THR D 126 27.56 8.29 62.14
CA THR D 126 29.00 8.08 62.26
C THR D 126 29.65 8.08 60.88
N SER D 127 28.94 7.53 59.89
CA SER D 127 29.41 7.51 58.50
C SER D 127 29.47 8.92 57.95
N GLY D 128 29.07 9.90 58.77
CA GLY D 128 29.06 11.31 58.37
C GLY D 128 27.99 11.63 57.34
N GLY D 129 26.90 10.86 57.39
CA GLY D 129 25.77 11.02 56.48
C GLY D 129 24.50 11.02 57.30
N ALA D 130 23.46 11.66 56.79
CA ALA D 130 22.22 11.83 57.53
C ALA D 130 21.04 12.02 56.59
N SER D 131 20.27 10.95 56.43
CA SER D 131 19.05 10.99 55.64
C SER D 131 17.86 11.12 56.56
N VAL D 132 16.87 11.90 56.14
CA VAL D 132 15.61 11.95 56.86
C VAL D 132 14.56 11.34 55.94
N VAL D 133 13.92 10.28 56.42
CA VAL D 133 12.93 9.57 55.61
C VAL D 133 11.51 9.96 56.02
N CYS D 134 10.65 10.12 55.03
CA CYS D 134 9.25 10.39 55.29
C CYS D 134 8.35 9.46 54.48
N PHE D 135 7.61 8.61 55.18
CA PHE D 135 6.67 7.72 54.52
C PHE D 135 5.30 8.36 54.48
N LEU D 136 4.65 8.29 53.33
CA LEU D 136 3.26 8.74 53.19
C LEU D 136 2.49 7.58 52.57
N ASN D 137 1.77 6.84 53.42
CA ASN D 137 1.53 5.43 53.16
C ASN D 137 0.29 4.88 52.43
N ASN D 138 -0.92 5.23 52.83
CA ASN D 138 -2.04 4.56 52.17
C ASN D 138 -3.09 5.48 51.60
N PHE D 139 -2.67 6.38 50.71
CA PHE D 139 -3.60 7.36 50.12
C PHE D 139 -4.22 6.80 48.86
N TYR D 140 -5.40 7.29 48.48
CA TYR D 140 -5.93 6.84 47.19
C TYR D 140 -5.57 7.71 46.01
N PRO D 141 -6.28 8.85 45.77
CA PRO D 141 -5.93 9.51 44.51
C PRO D 141 -4.40 9.61 44.41
N LYS D 142 -3.84 8.99 43.37
CA LYS D 142 -2.39 8.75 43.35
C LYS D 142 -1.55 10.01 43.52
N ASP D 143 -2.08 11.17 43.14
CA ASP D 143 -1.34 12.42 43.24
C ASP D 143 -1.33 12.93 44.67
N ILE D 144 -0.15 12.95 45.26
CA ILE D 144 0.11 13.61 46.53
C ILE D 144 1.38 14.45 46.33
N ASN D 145 1.65 15.40 47.21
CA ASN D 145 3.00 16.00 47.22
C ASN D 145 3.56 16.31 48.60
N VAL D 146 4.77 15.82 48.83
CA VAL D 146 5.51 16.15 50.02
C VAL D 146 6.09 17.55 49.91
N LYS D 147 6.40 18.12 51.07
CA LYS D 147 7.09 19.38 51.18
C LYS D 147 8.03 19.19 52.37
N TRP D 148 9.24 19.72 52.26
CA TRP D 148 10.17 19.66 53.37
C TRP D 148 10.38 21.04 53.98
N LYS D 149 10.25 21.12 55.29
CA LYS D 149 10.50 22.36 55.99
C LYS D 149 11.56 22.14 57.05
N ILE D 150 12.77 22.60 56.78
CA ILE D 150 13.80 22.67 57.80
C ILE D 150 13.73 24.05 58.48
N ASP D 151 13.54 24.03 59.80
CA ASP D 151 13.41 25.25 60.60
C ASP D 151 12.40 26.21 59.99
N GLY D 152 11.21 25.69 59.69
CA GLY D 152 10.11 26.50 59.18
C GLY D 152 10.34 27.22 57.86
N SER D 153 11.16 26.65 56.99
CA SER D 153 11.30 27.17 55.63
C SER D 153 11.67 26.07 54.64
N GLU D 154 10.94 26.07 53.52
CA GLU D 154 10.97 25.00 52.51
C GLU D 154 12.35 24.66 51.94
N ARG D 155 12.72 23.38 52.06
CA ARG D 155 13.94 22.86 51.43
C ARG D 155 13.58 22.07 50.18
N GLN D 156 14.46 22.11 49.19
CA GLN D 156 14.25 21.43 47.92
C GLN D 156 15.44 20.57 47.50
N ASN D 157 16.64 20.96 47.92
CA ASN D 157 17.86 20.31 47.44
C ASN D 157 18.19 19.08 48.25
N GLY D 158 18.24 17.93 47.57
CA GLY D 158 18.55 16.67 48.21
C GLY D 158 17.33 15.92 48.65
N VAL D 159 16.22 16.15 47.95
CA VAL D 159 14.96 15.46 48.19
C VAL D 159 14.70 14.53 47.03
N LEU D 160 14.67 13.24 47.31
CA LEU D 160 14.26 12.24 46.32
C LEU D 160 13.07 11.51 46.86
N ASN D 161 12.14 11.16 45.98
CA ASN D 161 11.02 10.35 46.40
C ASN D 161 10.69 9.26 45.40
N SER D 162 10.08 8.18 45.87
CA SER D 162 9.61 7.12 44.97
C SER D 162 8.21 6.67 45.36
N TRP D 163 7.45 6.27 44.34
CA TRP D 163 6.04 5.94 44.51
C TRP D 163 5.86 4.48 44.17
N THR D 164 4.92 3.83 44.82
CA THR D 164 4.62 2.46 44.48
C THR D 164 3.48 2.40 43.47
N ASP D 165 3.33 1.26 42.83
CA ASP D 165 2.16 0.97 42.02
C ASP D 165 0.98 0.73 42.95
N GLN D 166 -0.22 0.82 42.39
CA GLN D 166 -1.45 0.53 43.12
C GLN D 166 -1.28 -0.82 43.81
N ASP D 167 -1.47 -0.83 45.12
CA ASP D 167 -1.45 -2.08 45.87
C ASP D 167 -2.55 -2.98 45.31
N SER D 168 -2.19 -4.23 45.02
CA SER D 168 -3.12 -5.21 44.46
C SER D 168 -4.26 -5.55 45.42
N LYS D 169 -3.95 -5.62 46.72
CA LYS D 169 -4.94 -5.85 47.78
C LYS D 169 -5.92 -4.68 47.87
N ASP D 170 -5.55 -3.68 48.68
CA ASP D 170 -6.27 -2.41 48.76
C ASP D 170 -5.65 -1.49 47.71
N SER D 171 -6.50 -0.88 46.88
CA SER D 171 -5.99 -0.14 45.72
C SER D 171 -5.43 1.27 46.02
N THR D 172 -4.68 1.37 47.11
CA THR D 172 -3.99 2.61 47.49
C THR D 172 -2.59 2.70 46.89
N TYR D 173 -1.97 3.87 47.11
CA TYR D 173 -0.60 4.13 46.71
C TYR D 173 0.18 4.58 47.94
N SER D 174 1.46 4.22 47.99
CA SER D 174 2.38 4.62 49.05
C SER D 174 3.55 5.40 48.45
N MET D 175 4.08 6.37 49.19
CA MET D 175 5.23 7.17 48.72
C MET D 175 6.29 7.47 49.77
N SER D 176 7.55 7.27 49.39
CA SER D 176 8.69 7.49 50.27
C SER D 176 9.46 8.74 49.86
N SER D 177 9.75 9.61 50.83
CA SER D 177 10.50 10.86 50.58
C SER D 177 11.73 11.03 51.50
N THR D 178 12.92 10.90 50.93
CA THR D 178 14.15 11.07 51.71
C THR D 178 14.98 12.31 51.33
N LEU D 179 15.44 13.00 52.38
CA LEU D 179 16.24 14.19 52.27
C LEU D 179 17.67 13.84 52.69
N THR D 180 18.48 13.39 51.74
CA THR D 180 19.85 12.98 52.09
C THR D 180 20.82 14.16 52.28
N LEU D 181 21.35 14.27 53.50
CA LEU D 181 22.23 15.36 53.91
C LEU D 181 23.51 14.82 54.48
N THR D 182 24.56 15.65 54.48
CA THR D 182 25.79 15.35 55.21
C THR D 182 25.47 15.44 56.69
N LYS D 183 26.35 14.92 57.54
CA LYS D 183 26.13 15.04 58.98
C LYS D 183 26.22 16.51 59.40
N ASP D 184 27.00 17.28 58.64
CA ASP D 184 27.24 18.70 58.91
C ASP D 184 26.02 19.56 58.70
N GLU D 185 25.35 19.41 57.57
CA GLU D 185 24.13 20.17 57.27
C GLU D 185 23.03 19.74 58.22
N TYR D 186 23.01 18.44 58.54
CA TYR D 186 22.02 17.92 59.48
C TYR D 186 22.19 18.57 60.84
N GLU D 187 23.42 18.55 61.36
CA GLU D 187 23.75 19.16 62.66
C GLU D 187 23.79 20.71 62.65
N ARG D 188 23.37 21.32 61.55
CA ARG D 188 23.25 22.77 61.45
C ARG D 188 21.84 23.26 61.73
N HIS D 189 20.90 22.34 61.84
CA HIS D 189 19.51 22.72 62.05
C HIS D 189 18.90 21.98 63.24
N ASN D 190 17.69 22.39 63.66
CA ASN D 190 17.08 21.78 64.83
C ASN D 190 15.83 20.95 64.57
N SER D 191 14.87 21.52 63.84
CA SER D 191 13.59 20.85 63.64
C SER D 191 13.27 20.66 62.17
N TYR D 192 12.95 19.40 61.83
CA TYR D 192 12.70 18.99 60.46
C TYR D 192 11.24 18.62 60.25
N THR D 193 10.62 19.21 59.25
CA THR D 193 9.20 19.04 59.02
C THR D 193 8.94 18.46 57.65
N CYS D 194 7.93 17.61 57.57
CA CYS D 194 7.56 16.92 56.37
C CYS D 194 6.06 17.10 56.12
N GLU D 195 5.69 18.11 55.34
CA GLU D 195 4.27 18.41 55.09
C GLU D 195 3.76 17.68 53.85
N ALA D 196 2.64 16.97 54.00
CA ALA D 196 2.01 16.23 52.90
C ALA D 196 0.67 16.85 52.50
N THR D 197 0.42 16.88 51.20
CA THR D 197 -0.80 17.49 50.67
C THR D 197 -1.48 16.56 49.68
N HIS D 198 -2.64 16.04 50.09
CA HIS D 198 -3.42 15.13 49.27
C HIS D 198 -4.78 15.77 49.05
N LYS D 199 -5.42 15.46 47.92
CA LYS D 199 -6.79 15.89 47.61
C LYS D 199 -7.72 15.68 48.79
N THR D 200 -7.41 14.65 49.57
CA THR D 200 -8.12 14.21 50.76
C THR D 200 -8.48 15.30 51.82
N SER D 201 -7.80 16.44 51.77
CA SER D 201 -7.89 17.50 52.80
C SER D 201 -7.29 18.83 52.32
N THR D 202 -7.74 19.94 52.91
CA THR D 202 -7.13 21.24 52.66
C THR D 202 -5.92 21.43 53.58
N SER D 203 -6.13 21.13 54.86
CA SER D 203 -5.09 21.15 55.87
C SER D 203 -4.05 20.07 55.57
N PRO D 204 -2.81 20.49 55.23
CA PRO D 204 -1.75 19.52 54.95
C PRO D 204 -1.45 18.68 56.19
N ILE D 205 -1.03 17.44 55.98
CA ILE D 205 -0.79 16.53 57.10
C ILE D 205 0.68 16.60 57.55
N VAL D 206 1.00 17.68 58.26
CA VAL D 206 2.35 18.00 58.74
C VAL D 206 2.85 17.02 59.78
N LYS D 207 4.11 16.64 59.69
CA LYS D 207 4.77 15.84 60.73
C LYS D 207 6.26 16.11 60.84
N SER D 208 6.76 16.20 62.08
CA SER D 208 8.14 16.58 62.31
C SER D 208 8.77 16.01 63.60
N PHE D 209 10.02 16.43 63.86
CA PHE D 209 10.80 15.97 65.01
C PHE D 209 11.96 16.94 65.23
N ASN D 210 12.41 17.07 66.48
CA ASN D 210 13.57 17.90 66.78
C ASN D 210 14.83 17.08 66.96
N ARG D 211 15.95 17.62 66.50
CA ARG D 211 17.24 16.98 66.66
C ARG D 211 17.64 16.91 68.13
N ASN D 212 17.53 18.05 68.82
CA ASN D 212 17.90 18.18 70.23
C ASN D 212 16.99 17.40 71.17
N GLU D 213 15.70 17.30 70.81
CA GLU D 213 14.72 16.43 71.46
C GLU D 213 15.32 15.02 71.59
N CYS D 214 16.07 14.81 72.68
CA CYS D 214 16.87 13.58 72.90
C CYS D 214 17.47 12.97 71.61
ZN ZN E . -3.94 -24.26 -59.16
ZN ZN F . 20.64 24.46 55.74
#